data_2ETV
#
_entry.id   2ETV
#
_cell.length_a   109.820
_cell.length_b   109.820
_cell.length_c   122.670
_cell.angle_alpha   90.000
_cell.angle_beta   90.000
_cell.angle_gamma   120.000
#
_symmetry.space_group_name_H-M   'P 63'
#
loop_
_entity.id
_entity.type
_entity.pdbx_description
1 polymer 'iron(III) ABC transporter, periplasmic iron-binding protein, putative'
2 non-polymer 'NICKEL (II) ION'
3 non-polymer 'CHLORIDE ION'
4 non-polymer 'PHOSPHATE ION'
5 non-polymer 1,2-ETHANEDIOL
6 water water
#
_entity_poly.entity_id   1
_entity_poly.type   'polypeptide(L)'
_entity_poly.pdbx_seq_one_letter_code
;(MSE)GSD(MLY)IHHHHHH(MLY)DLLGREVEIPSNVNRIVAVGPGALRLIAYL(MLY)ATD(MSE)VVGVEDFE
(MLY)LRPYGRPYILAYPEL(MLY)(MLY)LPSVGPGGPG(MLY)LPDLESLITLQPDVVFITYVDR(MLY)TA(MLY)D
IQE(MLY)TGIPVVVLSYGNLGTFEDEDLFRSIELAG(MLY)ILGREERAHEVVDFIR(MLY)AQEDLVTRSEGVESPTV
YVGGIGY(MLY)GAHGIDSTEA(MLY)YPPFVVLHARNVVDELGEGH(MLY)FIDPE(MLY)LLVWNPEYIFIDENGLSL
VLDDYS(MLY)HREFYESLSAV(MLY)RG(MLY)VYGILPYNYYTTNIGTALADAYFIGKVLYPERFTDIDPEE(MLY)A
DEIYEFLLG(MLY)RVYGE(MSE)AEQFGGFG(MLY)IDLPSGRILRGTW
;
_entity_poly.pdbx_strand_id   A,B
#
loop_
_chem_comp.id
_chem_comp.type
_chem_comp.name
_chem_comp.formula
CL non-polymer 'CHLORIDE ION' 'Cl -1'
EDO non-polymer 1,2-ETHANEDIOL 'C2 H6 O2'
NI non-polymer 'NICKEL (II) ION' 'Ni 2'
PO4 non-polymer 'PHOSPHATE ION' 'O4 P -3'
#
# COMPACT_ATOMS: atom_id res chain seq x y z
N ILE A 6 -8.29 39.03 20.40
CA ILE A 6 -6.93 38.38 20.30
C ILE A 6 -6.59 37.47 21.49
N HIS A 7 -6.55 36.18 21.22
CA HIS A 7 -6.34 35.19 22.24
C HIS A 7 -4.90 34.78 22.23
N HIS A 8 -4.44 34.30 23.38
CA HIS A 8 -3.07 33.81 23.52
C HIS A 8 -2.81 32.59 22.62
N HIS A 9 -1.65 32.60 21.99
CA HIS A 9 -1.22 31.42 21.24
C HIS A 9 0.21 31.04 21.63
N HIS A 10 0.50 29.80 21.28
CA HIS A 10 1.84 29.23 21.30
C HIS A 10 2.23 28.67 19.93
N HIS A 11 3.53 28.51 19.75
CA HIS A 11 4.12 27.89 18.54
C HIS A 11 4.77 26.57 18.94
N HIS A 12 4.42 25.51 18.21
CA HIS A 12 4.88 24.16 18.51
C HIS A 12 5.59 23.57 17.28
N MLY A 13 6.72 22.89 17.50
CA MLY A 13 7.51 22.30 16.43
CB MLY A 13 9.01 22.52 16.67
CG MLY A 13 9.89 22.22 15.50
CD MLY A 13 11.35 22.52 15.91
CE MLY A 13 12.26 22.98 14.75
NZ MLY A 13 13.70 22.82 15.18
C MLY A 13 7.17 20.81 16.38
O MLY A 13 7.46 20.04 17.31
N ASP A 14 6.54 20.41 15.28
CA ASP A 14 6.05 19.07 15.18
C ASP A 14 7.16 18.13 14.72
N LEU A 15 6.79 16.86 14.47
CA LEU A 15 7.82 15.84 14.20
C LEU A 15 8.45 15.90 12.80
N LEU A 16 7.91 16.77 11.96
CA LEU A 16 8.51 17.13 10.69
C LEU A 16 9.25 18.48 10.75
N GLY A 17 9.37 19.04 11.95
CA GLY A 17 10.02 20.32 12.15
C GLY A 17 9.21 21.49 11.69
N ARG A 18 7.90 21.28 11.49
CA ARG A 18 7.01 22.38 11.17
C ARG A 18 6.64 23.15 12.43
N GLU A 19 6.75 24.48 12.39
CA GLU A 19 6.27 25.31 13.50
C GLU A 19 4.81 25.63 13.27
N VAL A 20 3.98 25.29 14.25
CA VAL A 20 2.52 25.40 14.10
C VAL A 20 1.98 26.31 15.22
N GLU A 21 1.22 27.33 14.84
CA GLU A 21 0.67 28.26 15.79
C GLU A 21 -0.70 27.73 16.22
N ILE A 22 -0.91 27.59 17.54
CA ILE A 22 -2.16 27.06 18.07
C ILE A 22 -2.57 27.91 19.27
N PRO A 23 -3.87 28.24 19.37
CA PRO A 23 -4.33 28.97 20.55
C PRO A 23 -3.98 28.18 21.81
N SER A 24 -3.67 28.85 22.91
CA SER A 24 -3.28 28.09 24.10
C SER A 24 -4.47 27.34 24.66
N ASN A 25 -5.68 27.85 24.45
CA ASN A 25 -6.89 27.21 24.94
C ASN A 25 -7.36 26.18 23.91
N VAL A 26 -7.04 24.91 24.16
CA VAL A 26 -7.43 23.79 23.32
C VAL A 26 -8.43 22.91 24.08
N ASN A 27 -9.59 22.69 23.45
CA ASN A 27 -10.73 21.94 24.01
C ASN A 27 -11.30 20.83 23.11
N ARG A 28 -11.10 20.95 21.78
CA ARG A 28 -11.68 20.08 20.76
C ARG A 28 -10.60 19.62 19.79
N ILE A 29 -10.43 18.31 19.63
CA ILE A 29 -9.34 17.76 18.85
C ILE A 29 -9.87 16.63 17.91
N VAL A 30 -9.09 16.34 16.88
CA VAL A 30 -9.25 15.13 16.05
C VAL A 30 -7.83 14.55 15.94
N ALA A 31 -7.75 13.24 15.93
CA ALA A 31 -6.50 12.52 15.78
C ALA A 31 -6.72 11.46 14.70
N VAL A 32 -5.90 11.51 13.67
CA VAL A 32 -6.03 10.66 12.49
C VAL A 32 -4.67 10.05 12.05
N GLY A 33 -4.79 8.92 11.36
CA GLY A 33 -3.66 8.13 10.90
C GLY A 33 -3.30 7.09 11.95
N PRO A 34 -2.52 6.08 11.54
CA PRO A 34 -2.15 4.97 12.39
C PRO A 34 -1.55 5.45 13.71
N GLY A 35 -2.23 5.13 14.79
CA GLY A 35 -1.68 5.38 16.15
C GLY A 35 -1.84 6.80 16.73
N ALA A 36 -2.41 7.74 15.96
CA ALA A 36 -2.60 9.08 16.45
C ALA A 36 -3.62 9.11 17.62
N LEU A 37 -4.78 8.55 17.40
CA LEU A 37 -5.79 8.43 18.44
C LEU A 37 -5.28 7.62 19.68
N ARG A 38 -4.50 6.55 19.47
CA ARG A 38 -3.88 5.86 20.59
C ARG A 38 -3.09 6.76 21.54
N LEU A 39 -2.27 7.65 21.00
CA LEU A 39 -1.49 8.54 21.84
C LEU A 39 -2.39 9.50 22.66
N ILE A 40 -3.46 10.00 22.05
CA ILE A 40 -4.44 10.81 22.74
C ILE A 40 -5.13 10.03 23.88
N ALA A 41 -5.41 8.76 23.65
CA ALA A 41 -5.93 7.85 24.70
C ALA A 41 -4.90 7.69 25.83
N TYR A 42 -3.65 7.41 25.49
CA TYR A 42 -2.62 7.34 26.55
C TYR A 42 -2.52 8.64 27.38
N LEU A 43 -2.78 9.78 26.73
CA LEU A 43 -2.68 11.09 27.38
C LEU A 43 -3.96 11.48 28.14
N MLY A 44 -4.96 10.61 28.17
CA MLY A 44 -6.21 10.85 28.90
CB MLY A 44 -6.00 10.86 30.43
CG MLY A 44 -5.56 9.47 30.98
CD MLY A 44 -5.16 9.56 32.45
CE MLY A 44 -6.31 9.85 33.34
NZ MLY A 44 -5.96 9.70 34.82
CH1 MLY A 44 -7.16 10.09 35.58
CH2 MLY A 44 -5.62 8.29 35.12
C MLY A 44 -6.89 12.13 28.36
O MLY A 44 -7.41 12.97 29.11
N ALA A 45 -6.88 12.28 27.04
CA ALA A 45 -7.51 13.44 26.37
C ALA A 45 -8.68 12.98 25.49
N THR A 46 -9.19 11.77 25.72
CA THR A 46 -10.31 11.25 24.90
C THR A 46 -11.56 12.10 24.88
N ASP A 47 -11.85 12.74 26.02
CA ASP A 47 -13.04 13.56 26.11
C ASP A 47 -12.99 14.82 25.24
N MSE A 48 -11.78 15.17 24.78
CA MSE A 48 -11.61 16.28 23.84
C MSE A 48 -11.85 15.91 22.39
O MSE A 48 -11.93 16.82 21.53
CB MSE A 48 -10.20 16.86 23.96
CG MSE A 48 -9.93 17.32 25.38
SE MSE A 48 -8.09 18.07 25.44
CE MSE A 48 -8.50 19.88 25.26
N VAL A 49 -11.97 14.61 22.09
CA VAL A 49 -12.05 14.15 20.74
C VAL A 49 -13.48 14.38 20.17
N VAL A 50 -13.55 15.05 19.03
CA VAL A 50 -14.87 15.44 18.46
C VAL A 50 -15.26 14.68 17.18
N GLY A 51 -14.37 13.89 16.61
CA GLY A 51 -14.66 13.10 15.44
C GLY A 51 -13.68 11.93 15.43
N VAL A 52 -14.05 10.87 14.72
CA VAL A 52 -13.25 9.63 14.71
C VAL A 52 -13.29 9.00 13.30
N GLU A 53 -12.22 8.31 12.96
CA GLU A 53 -12.17 7.59 11.71
C GLU A 53 -13.18 6.45 11.74
N ASP A 54 -13.84 6.16 10.62
CA ASP A 54 -14.69 4.95 10.53
C ASP A 54 -13.97 3.66 10.88
N PHE A 55 -12.65 3.64 10.65
CA PHE A 55 -11.76 2.50 10.95
C PHE A 55 -12.00 1.94 12.36
N GLU A 56 -12.18 2.81 13.34
CA GLU A 56 -12.28 2.35 14.74
C GLU A 56 -13.41 1.37 14.99
N MLY A 57 -14.58 1.63 14.38
CA MLY A 57 -15.74 0.72 14.45
CB MLY A 57 -17.07 1.50 14.36
CG MLY A 57 -17.27 2.34 13.11
C MLY A 57 -15.68 -0.42 13.42
O MLY A 57 -16.10 -1.56 13.72
N LEU A 58 -15.17 -0.15 12.23
CA LEU A 58 -15.17 -1.12 11.16
C LEU A 58 -14.14 -2.21 11.39
N ARG A 59 -13.01 -1.87 12.02
CA ARG A 59 -11.96 -2.84 12.29
C ARG A 59 -11.77 -2.89 13.78
N PRO A 60 -12.63 -3.64 14.49
CA PRO A 60 -12.67 -3.50 15.94
C PRO A 60 -11.53 -4.14 16.78
N TYR A 61 -10.72 -5.01 16.18
CA TYR A 61 -9.81 -5.85 16.96
C TYR A 61 -8.35 -5.35 16.99
N GLY A 62 -7.62 -5.87 17.99
CA GLY A 62 -6.16 -5.71 18.06
C GLY A 62 -5.65 -4.47 18.76
N ARG A 63 -6.57 -3.64 19.25
CA ARG A 63 -6.21 -2.30 19.81
C ARG A 63 -6.82 -2.06 21.20
N PRO A 64 -6.03 -2.28 22.26
CA PRO A 64 -6.45 -1.99 23.62
C PRO A 64 -7.14 -0.61 23.77
N TYR A 65 -6.65 0.43 23.11
CA TYR A 65 -7.24 1.76 23.37
C TYR A 65 -8.71 1.84 23.07
N ILE A 66 -9.15 1.13 22.01
CA ILE A 66 -10.54 1.21 21.58
C ILE A 66 -11.41 0.33 22.47
N LEU A 67 -10.80 -0.67 23.09
CA LEU A 67 -11.48 -1.46 24.13
C LEU A 67 -11.61 -0.68 25.44
N ALA A 68 -10.61 0.15 25.75
CA ALA A 68 -10.65 1.02 26.93
C ALA A 68 -11.60 2.23 26.75
N TYR A 69 -11.74 2.76 25.53
CA TYR A 69 -12.54 3.94 25.26
C TYR A 69 -13.49 3.70 24.08
N PRO A 70 -14.43 2.74 24.27
CA PRO A 70 -15.32 2.36 23.14
C PRO A 70 -16.28 3.46 22.68
N GLU A 71 -16.54 4.39 23.57
CA GLU A 71 -17.40 5.53 23.24
C GLU A 71 -16.84 6.37 22.10
N LEU A 72 -15.52 6.23 21.83
CA LEU A 72 -14.95 6.96 20.70
C LEU A 72 -15.62 6.58 19.33
N MLY A 73 -16.05 5.32 19.23
CA MLY A 73 -16.71 4.76 18.00
CB MLY A 73 -17.05 3.28 18.23
CG MLY A 73 -15.84 2.43 18.43
CD MLY A 73 -16.14 0.94 18.48
CE MLY A 73 -16.90 0.51 19.73
NZ MLY A 73 -17.55 -0.87 19.64
CH1 MLY A 73 -16.60 -1.93 19.33
CH2 MLY A 73 -18.16 -1.19 20.94
C MLY A 73 -18.03 5.46 17.60
O MLY A 73 -18.49 5.29 16.48
N MLY A 74 -18.63 6.17 18.54
CA MLY A 74 -19.94 6.83 18.37
CB MLY A 74 -20.69 6.86 19.70
CG MLY A 74 -21.22 5.49 20.14
CD MLY A 74 -21.73 5.47 21.57
CE MLY A 74 -22.25 4.06 21.96
NZ MLY A 74 -23.19 4.08 23.14
C MLY A 74 -19.82 8.27 17.91
O MLY A 74 -20.84 8.92 17.62
N LEU A 75 -18.60 8.79 17.83
CA LEU A 75 -18.40 10.17 17.39
C LEU A 75 -18.62 10.28 15.89
N PRO A 76 -18.89 11.51 15.42
CA PRO A 76 -19.02 11.79 13.97
C PRO A 76 -17.76 11.39 13.17
N SER A 77 -17.96 11.02 11.92
CA SER A 77 -16.90 10.57 11.02
C SER A 77 -15.99 11.73 10.61
N VAL A 78 -14.69 11.49 10.56
CA VAL A 78 -13.78 12.39 9.90
C VAL A 78 -13.13 11.72 8.69
N GLY A 79 -13.72 10.62 8.23
CA GLY A 79 -13.15 9.84 7.13
C GLY A 79 -13.01 8.37 7.45
N PRO A 80 -12.59 7.55 6.44
CA PRO A 80 -12.49 6.14 6.65
C PRO A 80 -11.39 5.71 7.62
N GLY A 81 -10.29 6.48 7.65
CA GLY A 81 -9.10 6.04 8.29
C GLY A 81 -8.52 4.83 7.63
N GLY A 82 -7.67 4.15 8.39
CA GLY A 82 -6.84 3.06 7.85
C GLY A 82 -5.57 3.62 7.21
N PRO A 83 -4.59 2.76 6.99
CA PRO A 83 -3.34 3.16 6.39
C PRO A 83 -3.49 3.78 4.98
N GLY A 84 -2.75 4.86 4.74
CA GLY A 84 -2.78 5.55 3.45
C GLY A 84 -3.99 6.41 3.14
N MLY A 85 -4.93 6.54 4.08
CA MLY A 85 -6.10 7.42 3.90
CB MLY A 85 -7.35 6.78 4.47
CG MLY A 85 -7.73 5.46 3.75
CD MLY A 85 -8.06 5.67 2.27
CE MLY A 85 -8.09 4.35 1.51
NZ MLY A 85 -8.08 4.50 -0.03
CH1 MLY A 85 -9.00 5.56 -0.51
CH2 MLY A 85 -6.70 4.84 -0.47
C MLY A 85 -5.90 8.74 4.57
O MLY A 85 -5.26 8.81 5.60
N LEU A 86 -6.47 9.79 3.99
CA LEU A 86 -6.42 11.10 4.57
C LEU A 86 -7.83 11.41 5.12
N PRO A 87 -7.90 12.30 6.12
CA PRO A 87 -9.19 12.69 6.65
C PRO A 87 -10.01 13.40 5.61
N ASP A 88 -11.34 13.36 5.77
CA ASP A 88 -12.26 14.12 4.95
C ASP A 88 -12.21 15.60 5.36
N LEU A 89 -11.77 16.44 4.44
CA LEU A 89 -11.56 17.83 4.77
C LEU A 89 -12.84 18.56 5.11
N GLU A 90 -13.93 18.27 4.41
CA GLU A 90 -15.18 18.94 4.75
C GLU A 90 -15.66 18.56 6.14
N SER A 91 -15.43 17.31 6.55
CA SER A 91 -15.78 16.86 7.92
C SER A 91 -14.98 17.66 8.94
N LEU A 92 -13.70 17.83 8.69
CA LEU A 92 -12.86 18.67 9.57
C LEU A 92 -13.42 20.06 9.67
N ILE A 93 -13.73 20.66 8.54
CA ILE A 93 -14.21 22.03 8.54
C ILE A 93 -15.54 22.15 9.34
N THR A 94 -16.42 21.16 9.21
CA THR A 94 -17.74 21.16 9.87
C THR A 94 -17.54 21.03 11.37
N LEU A 95 -16.64 20.14 11.78
CA LEU A 95 -16.42 19.86 13.24
C LEU A 95 -15.55 20.93 13.90
N GLN A 96 -14.72 21.61 13.11
CA GLN A 96 -13.85 22.69 13.62
C GLN A 96 -13.08 22.37 14.93
N PRO A 97 -12.26 21.28 14.92
CA PRO A 97 -11.44 21.09 16.08
C PRO A 97 -10.42 22.20 16.20
N ASP A 98 -9.84 22.36 17.38
CA ASP A 98 -8.85 23.36 17.58
C ASP A 98 -7.50 22.96 16.98
N VAL A 99 -7.30 21.65 16.83
CA VAL A 99 -6.09 21.05 16.32
C VAL A 99 -6.43 19.66 15.79
N VAL A 100 -5.75 19.32 14.71
CA VAL A 100 -5.77 17.99 14.12
C VAL A 100 -4.35 17.40 14.32
N PHE A 101 -4.29 16.24 15.00
CA PHE A 101 -3.04 15.43 15.13
C PHE A 101 -3.10 14.38 14.05
N ILE A 102 -1.98 14.20 13.34
CA ILE A 102 -1.91 13.21 12.24
C ILE A 102 -0.57 12.51 12.24
N THR A 103 -0.60 11.22 11.90
CA THR A 103 0.61 10.45 11.72
C THR A 103 0.78 9.98 10.25
N TYR A 104 2.02 9.63 9.89
CA TYR A 104 2.38 8.93 8.62
C TYR A 104 1.96 9.74 7.39
N VAL A 105 2.20 11.06 7.46
CA VAL A 105 2.10 11.98 6.33
C VAL A 105 3.38 12.84 6.24
N ASP A 106 3.54 13.47 5.09
CA ASP A 106 4.71 14.33 4.83
C ASP A 106 4.31 15.78 4.92
N ARG A 107 5.29 16.68 4.76
CA ARG A 107 5.04 18.10 4.97
C ARG A 107 4.02 18.66 4.00
N MLY A 108 4.13 18.26 2.73
CA MLY A 108 3.22 18.71 1.69
CB MLY A 108 3.56 17.94 0.40
CG MLY A 108 2.63 18.20 -0.80
CD MLY A 108 3.00 17.30 -2.05
CE MLY A 108 4.52 17.24 -2.39
NZ MLY A 108 4.84 16.90 -3.85
CH1 MLY A 108 4.86 18.09 -4.72
CH2 MLY A 108 6.13 16.18 -3.92
C MLY A 108 1.78 18.43 2.08
O MLY A 108 0.87 19.28 1.95
N THR A 109 1.59 17.22 2.59
CA THR A 109 0.26 16.75 2.98
C THR A 109 -0.26 17.50 4.19
N ALA A 110 0.58 17.70 5.21
CA ALA A 110 0.21 18.41 6.43
C ALA A 110 -0.19 19.84 6.11
N MLY A 111 0.66 20.50 5.32
CA MLY A 111 0.42 21.87 4.83
CB MLY A 111 1.58 22.28 3.93
CG MLY A 111 1.44 23.64 3.21
CD MLY A 111 2.67 23.87 2.31
CE MLY A 111 2.32 24.61 1.00
NZ MLY A 111 1.76 25.94 1.23
CH1 MLY A 111 2.43 26.49 2.42
CH2 MLY A 111 2.01 26.84 0.12
C MLY A 111 -0.91 21.99 4.08
O MLY A 111 -1.67 22.91 4.30
N ASP A 112 -1.17 21.06 3.18
CA ASP A 112 -2.41 21.11 2.38
C ASP A 112 -3.66 21.01 3.27
N ILE A 113 -3.64 20.05 4.20
CA ILE A 113 -4.77 19.87 5.14
C ILE A 113 -4.97 21.11 5.99
N GLN A 114 -3.88 21.65 6.56
CA GLN A 114 -3.95 22.86 7.38
C GLN A 114 -4.53 24.07 6.61
N GLU A 115 -4.05 24.27 5.40
CA GLU A 115 -4.45 25.42 4.58
C GLU A 115 -5.87 25.28 4.09
N MLY A 116 -6.25 24.07 3.68
CA MLY A 116 -7.61 23.87 3.14
CB MLY A 116 -7.72 22.61 2.29
CG MLY A 116 -7.09 22.76 0.91
CD MLY A 116 -6.98 21.43 0.22
CE MLY A 116 -6.50 21.63 -1.26
NZ MLY A 116 -6.45 20.38 -2.13
CH1 MLY A 116 -5.19 20.34 -2.91
CH2 MLY A 116 -6.64 19.10 -1.43
C MLY A 116 -8.68 23.87 4.19
O MLY A 116 -9.83 24.26 3.92
N THR A 117 -8.35 23.45 5.40
CA THR A 117 -9.33 23.40 6.46
C THR A 117 -9.30 24.63 7.35
N GLY A 118 -8.18 25.36 7.34
CA GLY A 118 -7.99 26.52 8.26
C GLY A 118 -7.81 26.07 9.71
N ILE A 119 -7.37 24.82 9.92
CA ILE A 119 -7.20 24.25 11.25
C ILE A 119 -5.74 23.85 11.47
N PRO A 120 -5.14 24.21 12.62
CA PRO A 120 -3.74 23.79 12.83
C PRO A 120 -3.59 22.26 12.72
N VAL A 121 -2.53 21.81 12.01
CA VAL A 121 -2.20 20.39 11.91
C VAL A 121 -0.84 20.11 12.54
N VAL A 122 -0.78 19.10 13.41
CA VAL A 122 0.42 18.70 14.12
C VAL A 122 0.76 17.25 13.76
N VAL A 123 1.89 17.07 13.11
CA VAL A 123 2.33 15.73 12.74
C VAL A 123 3.07 15.08 13.89
N LEU A 124 2.59 13.91 14.28
CA LEU A 124 3.26 13.09 15.29
C LEU A 124 3.91 11.91 14.62
N SER A 125 4.78 11.22 15.33
CA SER A 125 5.50 10.08 14.73
C SER A 125 5.91 9.04 15.78
N TYR A 126 5.70 7.78 15.43
CA TYR A 126 6.17 6.67 16.26
C TYR A 126 7.65 6.35 15.97
N GLY A 127 8.21 6.91 14.90
CA GLY A 127 9.61 6.64 14.58
C GLY A 127 9.90 5.15 14.29
N ASN A 128 11.05 4.69 14.76
CA ASN A 128 11.50 3.31 14.48
C ASN A 128 10.67 2.38 15.34
N LEU A 129 9.97 1.44 14.72
CA LEU A 129 9.15 0.49 15.48
C LEU A 129 9.94 -0.70 16.06
N GLY A 130 11.27 -0.72 15.85
CA GLY A 130 12.17 -1.80 16.33
C GLY A 130 12.81 -1.56 17.70
N THR A 131 12.26 -0.62 18.47
CA THR A 131 12.76 -0.27 19.79
C THR A 131 11.63 0.16 20.73
N PHE A 132 11.80 0.00 22.06
CA PHE A 132 10.84 0.52 23.07
C PHE A 132 11.14 1.98 23.47
N GLU A 133 12.19 2.58 22.92
CA GLU A 133 12.61 3.91 23.37
C GLU A 133 12.88 4.87 22.23
N ASP A 134 11.97 4.93 21.29
CA ASP A 134 12.20 5.80 20.17
C ASP A 134 12.00 7.27 20.61
N GLU A 135 12.98 8.11 20.28
CA GLU A 135 12.92 9.48 20.74
C GLU A 135 11.83 10.30 20.06
N ASP A 136 11.46 9.95 18.81
CA ASP A 136 10.38 10.64 18.13
C ASP A 136 9.02 10.28 18.74
N LEU A 137 8.86 9.04 19.16
CA LEU A 137 7.65 8.63 19.89
C LEU A 137 7.49 9.38 21.20
N PHE A 138 8.55 9.44 21.97
CA PHE A 138 8.53 10.19 23.26
C PHE A 138 8.29 11.68 23.00
N ARG A 139 8.93 12.25 22.00
CA ARG A 139 8.74 13.64 21.64
C ARG A 139 7.27 13.92 21.29
N SER A 140 6.70 13.00 20.51
CA SER A 140 5.28 13.09 20.14
C SER A 140 4.34 13.15 21.38
N ILE A 141 4.62 12.26 22.35
CA ILE A 141 3.86 12.19 23.57
C ILE A 141 4.00 13.50 24.35
N GLU A 142 5.24 14.00 24.46
CA GLU A 142 5.50 15.28 25.14
C GLU A 142 4.77 16.45 24.45
N LEU A 143 4.87 16.49 23.14
CA LEU A 143 4.33 17.60 22.36
C LEU A 143 2.83 17.63 22.46
N ALA A 144 2.18 16.49 22.25
CA ALA A 144 0.72 16.46 22.42
C ALA A 144 0.37 16.78 23.85
N GLY A 145 1.15 16.30 24.80
CA GLY A 145 0.93 16.67 26.20
C GLY A 145 0.94 18.17 26.42
N MLY A 146 1.93 18.87 25.86
CA MLY A 146 1.93 20.32 26.00
CB MLY A 146 3.18 20.98 25.39
CG MLY A 146 3.06 22.51 25.46
CD MLY A 146 4.29 23.31 25.60
CE MLY A 146 3.91 24.84 25.64
NZ MLY A 146 4.81 25.81 24.84
CH1 MLY A 146 4.97 27.13 25.50
CH2 MLY A 146 6.09 25.27 24.24
C MLY A 146 0.68 20.95 25.39
O MLY A 146 0.04 21.79 26.01
N ILE A 147 0.36 20.58 24.15
CA ILE A 147 -0.73 21.22 23.44
C ILE A 147 -2.07 20.99 24.17
N LEU A 148 -2.20 19.81 24.78
CA LEU A 148 -3.48 19.36 25.39
C LEU A 148 -3.63 19.62 26.89
N GLY A 149 -2.64 20.22 27.50
CA GLY A 149 -2.61 20.38 28.92
C GLY A 149 -2.58 19.05 29.66
N ARG A 150 -1.71 18.15 29.20
CA ARG A 150 -1.50 16.83 29.79
C ARG A 150 0.00 16.60 30.00
N GLU A 151 0.72 17.64 30.42
CA GLU A 151 2.17 17.57 30.48
C GLU A 151 2.69 16.58 31.51
N GLU A 152 2.16 16.66 32.74
CA GLU A 152 2.53 15.69 33.75
C GLU A 152 2.26 14.25 33.30
N ARG A 153 1.06 14.03 32.76
CA ARG A 153 0.64 12.72 32.26
C ARG A 153 1.59 12.23 31.17
N ALA A 154 1.97 13.13 30.24
CA ALA A 154 2.98 12.80 29.23
C ALA A 154 4.31 12.31 29.83
N HIS A 155 4.83 13.01 30.84
CA HIS A 155 6.07 12.61 31.47
C HIS A 155 5.92 11.24 32.09
N GLU A 156 4.78 11.04 32.74
CA GLU A 156 4.48 9.78 33.42
C GLU A 156 4.42 8.60 32.45
N VAL A 157 3.82 8.82 31.27
CA VAL A 157 3.70 7.76 30.25
C VAL A 157 5.08 7.40 29.75
N VAL A 158 5.87 8.40 29.41
CA VAL A 158 7.21 8.12 28.89
C VAL A 158 8.09 7.43 29.97
N ASP A 159 8.00 7.91 31.20
CA ASP A 159 8.76 7.33 32.26
C ASP A 159 8.36 5.87 32.50
N PHE A 160 7.07 5.57 32.42
CA PHE A 160 6.57 4.21 32.58
C PHE A 160 7.20 3.29 31.57
N ILE A 161 7.28 3.76 30.32
CA ILE A 161 7.84 2.97 29.22
C ILE A 161 9.34 2.74 29.41
N ARG A 162 10.06 3.83 29.71
CA ARG A 162 11.47 3.73 29.96
C ARG A 162 11.77 2.77 31.13
N MLY A 163 11.03 2.88 32.23
CA MLY A 163 11.27 2.02 33.39
CB MLY A 163 10.45 2.50 34.56
CG MLY A 163 10.94 3.90 35.12
CD MLY A 163 12.50 4.05 35.30
CE MLY A 163 12.98 5.56 35.30
NZ MLY A 163 13.03 6.20 33.92
C MLY A 163 10.99 0.56 33.10
O MLY A 163 11.69 -0.33 33.63
N ALA A 164 9.99 0.30 32.23
CA ALA A 164 9.66 -1.06 31.86
C ALA A 164 10.81 -1.66 31.04
N GLN A 165 11.33 -0.89 30.09
CA GLN A 165 12.52 -1.29 29.35
C GLN A 165 13.69 -1.58 30.28
N GLU A 166 13.99 -0.66 31.20
CA GLU A 166 15.10 -0.87 32.12
C GLU A 166 14.91 -2.12 32.95
N ASP A 167 13.68 -2.36 33.38
CA ASP A 167 13.36 -3.50 34.28
C ASP A 167 13.58 -4.82 33.55
N LEU A 168 13.16 -4.88 32.28
CA LEU A 168 13.38 -6.05 31.45
C LEU A 168 14.88 -6.32 31.20
N VAL A 169 15.65 -5.27 30.91
CA VAL A 169 17.12 -5.39 30.84
C VAL A 169 17.73 -5.90 32.15
N THR A 170 17.36 -5.28 33.25
CA THR A 170 17.85 -5.67 34.56
C THR A 170 17.57 -7.15 34.85
N ARG A 171 16.33 -7.57 34.65
CA ARG A 171 15.94 -8.96 34.95
C ARG A 171 16.68 -9.98 34.09
N SER A 172 17.04 -9.58 32.88
CA SER A 172 17.68 -10.50 31.92
C SER A 172 19.22 -10.47 31.98
N GLU A 173 19.78 -9.54 32.75
CA GLU A 173 21.24 -9.33 32.77
C GLU A 173 21.97 -10.60 33.26
N GLY A 174 22.95 -11.04 32.50
CA GLY A 174 23.80 -12.12 32.92
C GLY A 174 23.35 -13.55 32.69
N VAL A 175 22.18 -13.74 32.10
CA VAL A 175 21.65 -15.07 31.88
C VAL A 175 22.06 -15.48 30.45
N GLU A 176 22.27 -16.76 30.21
CA GLU A 176 22.59 -17.26 28.87
C GLU A 176 21.37 -17.08 27.97
N SER A 177 21.64 -16.70 26.73
CA SER A 177 20.61 -16.36 25.77
C SER A 177 20.20 -17.62 24.97
N PRO A 178 18.93 -18.04 25.07
CA PRO A 178 18.47 -19.18 24.28
C PRO A 178 18.08 -18.73 22.87
N THR A 179 18.05 -19.68 21.95
CA THR A 179 17.57 -19.40 20.60
C THR A 179 16.04 -19.34 20.58
N VAL A 180 15.54 -18.39 19.82
CA VAL A 180 14.09 -18.11 19.73
C VAL A 180 13.67 -17.75 18.33
N TYR A 181 12.37 -17.92 18.09
CA TYR A 181 11.71 -17.48 16.84
C TYR A 181 10.30 -16.95 17.12
N VAL A 182 9.93 -15.89 16.41
CA VAL A 182 8.54 -15.43 16.40
C VAL A 182 7.92 -15.57 15.01
N GLY A 183 6.72 -16.15 14.94
CA GLY A 183 6.05 -16.34 13.67
C GLY A 183 4.61 -15.86 13.77
N GLY A 184 3.90 -15.83 12.65
CA GLY A 184 2.53 -15.39 12.66
C GLY A 184 2.32 -13.87 12.66
N ILE A 185 3.38 -13.14 12.41
CA ILE A 185 3.34 -11.67 12.46
C ILE A 185 2.51 -11.08 11.31
N GLY A 186 1.53 -10.27 11.66
CA GLY A 186 0.71 -9.59 10.66
C GLY A 186 1.53 -8.58 9.90
N TYR A 187 1.28 -8.51 8.59
CA TYR A 187 2.02 -7.61 7.72
C TYR A 187 1.13 -7.36 6.50
N MLY A 188 0.37 -6.27 6.55
CA MLY A 188 -0.59 -5.97 5.50
CB MLY A 188 0.17 -5.57 4.22
CG MLY A 188 1.10 -4.36 4.42
CD MLY A 188 1.99 -4.12 3.22
CE MLY A 188 3.01 -2.99 3.51
NZ MLY A 188 3.66 -2.39 2.27
CH1 MLY A 188 4.44 -1.22 2.69
CH2 MLY A 188 4.56 -3.33 1.57
C MLY A 188 -1.53 -7.17 5.29
O MLY A 188 -1.78 -7.55 4.16
N GLY A 189 -2.04 -7.74 6.39
CA GLY A 189 -2.85 -8.97 6.37
C GLY A 189 -2.24 -10.02 7.29
N ALA A 190 -3.01 -11.06 7.59
CA ALA A 190 -2.56 -12.15 8.43
C ALA A 190 -1.67 -13.12 7.65
N HIS A 191 -0.71 -13.70 8.37
CA HIS A 191 0.23 -14.66 7.82
C HIS A 191 0.57 -15.71 8.88
N GLY A 192 1.14 -16.82 8.43
CA GLY A 192 1.47 -17.93 9.29
C GLY A 192 2.93 -17.94 9.67
N ILE A 193 3.48 -19.15 9.75
CA ILE A 193 4.75 -19.35 10.46
C ILE A 193 5.92 -18.65 9.78
N ASP A 194 5.80 -18.38 8.48
CA ASP A 194 6.91 -17.78 7.71
C ASP A 194 7.04 -16.25 7.82
N SER A 195 6.15 -15.61 8.58
CA SER A 195 6.12 -14.15 8.77
C SER A 195 6.73 -13.83 10.14
N THR A 196 7.91 -13.21 10.13
CA THR A 196 8.71 -13.00 11.35
C THR A 196 9.25 -11.59 11.38
N GLU A 197 10.12 -11.35 12.34
CA GLU A 197 10.74 -10.05 12.47
C GLU A 197 12.17 -10.18 12.99
N ALA A 198 13.11 -9.48 12.32
CA ALA A 198 14.51 -9.35 12.76
C ALA A 198 14.59 -8.10 13.68
N MLY A 199 15.44 -8.11 14.69
CA MLY A 199 15.44 -7.01 15.69
CB MLY A 199 15.95 -5.68 15.06
CG MLY A 199 16.30 -4.60 16.10
CD MLY A 199 16.56 -3.17 15.55
CE MLY A 199 16.99 -2.27 16.74
NZ MLY A 199 17.28 -0.82 16.43
CH1 MLY A 199 18.43 -0.74 15.52
CH2 MLY A 199 16.10 -0.14 15.88
C MLY A 199 14.05 -6.81 16.28
O MLY A 199 13.47 -5.73 16.25
N TYR A 200 13.48 -7.91 16.77
CA TYR A 200 12.11 -7.88 17.33
C TYR A 200 12.21 -7.33 18.74
N PRO A 201 11.60 -6.18 19.02
CA PRO A 201 11.82 -5.49 20.30
C PRO A 201 11.70 -6.31 21.61
N PRO A 202 10.68 -7.18 21.74
CA PRO A 202 10.62 -8.01 22.93
C PRO A 202 11.80 -8.96 23.05
N PHE A 203 12.31 -9.47 21.94
CA PHE A 203 13.52 -10.29 21.98
C PHE A 203 14.75 -9.46 22.33
N VAL A 204 14.85 -8.31 21.68
CA VAL A 204 16.05 -7.50 21.82
C VAL A 204 16.23 -7.05 23.29
N VAL A 205 15.16 -6.62 23.93
CA VAL A 205 15.27 -6.19 25.34
C VAL A 205 15.69 -7.30 26.30
N LEU A 206 15.39 -8.55 25.93
CA LEU A 206 15.75 -9.71 26.71
C LEU A 206 17.04 -10.40 26.19
N HIS A 207 17.73 -9.76 25.23
CA HIS A 207 18.90 -10.30 24.52
C HIS A 207 18.73 -11.76 24.07
N ALA A 208 17.51 -12.10 23.68
CA ALA A 208 17.25 -13.46 23.21
C ALA A 208 17.95 -13.63 21.83
N ARG A 209 18.45 -14.82 21.55
CA ARG A 209 19.11 -15.04 20.26
C ARG A 209 18.01 -15.34 19.23
N ASN A 210 17.53 -14.30 18.56
CA ASN A 210 16.55 -14.46 17.51
C ASN A 210 17.25 -15.09 16.30
N VAL A 211 16.77 -16.26 15.89
CA VAL A 211 17.42 -17.00 14.81
C VAL A 211 17.43 -16.30 13.44
N VAL A 212 16.59 -15.30 13.22
CA VAL A 212 16.55 -14.60 11.92
C VAL A 212 17.31 -13.26 11.94
N ASP A 213 18.01 -12.94 13.02
CA ASP A 213 18.58 -11.58 13.17
C ASP A 213 19.70 -11.29 12.17
N GLU A 214 20.25 -12.35 11.59
CA GLU A 214 21.16 -12.29 10.43
C GLU A 214 20.57 -11.48 9.26
N LEU A 215 19.24 -11.39 9.20
CA LEU A 215 18.57 -10.69 8.09
C LEU A 215 18.47 -9.18 8.28
N GLY A 216 18.85 -8.69 9.46
CA GLY A 216 18.88 -7.26 9.69
C GLY A 216 17.84 -6.79 10.65
N GLU A 217 16.79 -6.12 10.14
CA GLU A 217 15.80 -5.54 11.01
C GLU A 217 14.46 -5.35 10.30
N GLY A 218 13.39 -5.43 11.09
CA GLY A 218 12.03 -5.31 10.62
C GLY A 218 11.46 -6.63 10.09
N HIS A 219 10.26 -6.52 9.57
CA HIS A 219 9.53 -7.63 9.07
C HIS A 219 10.32 -8.40 8.04
N MLY A 220 10.25 -9.73 8.13
CA MLY A 220 10.84 -10.66 7.18
CB MLY A 220 12.20 -11.21 7.70
CG MLY A 220 13.23 -10.14 8.12
CD MLY A 220 13.79 -9.36 6.90
CE MLY A 220 14.61 -8.13 7.34
NZ MLY A 220 14.98 -7.14 6.20
CH1 MLY A 220 15.81 -7.89 5.22
CH2 MLY A 220 13.76 -6.57 5.60
C MLY A 220 9.87 -11.80 6.88
O MLY A 220 9.18 -12.29 7.80
N PHE A 221 9.79 -12.18 5.61
CA PHE A 221 9.23 -13.46 5.20
C PHE A 221 10.37 -14.41 4.96
N ILE A 222 10.34 -15.57 5.59
CA ILE A 222 11.43 -16.53 5.48
C ILE A 222 10.94 -17.82 4.83
N ASP A 223 11.89 -18.65 4.37
CA ASP A 223 11.63 -20.00 3.87
C ASP A 223 11.48 -20.86 5.11
N PRO A 224 10.29 -21.46 5.32
CA PRO A 224 10.13 -22.17 6.60
C PRO A 224 11.00 -23.42 6.69
N GLU A 225 11.54 -23.91 5.58
CA GLU A 225 12.55 -24.97 5.64
C GLU A 225 13.76 -24.52 6.48
N MLY A 226 14.06 -23.23 6.51
CA MLY A 226 15.21 -22.73 7.30
CB MLY A 226 15.46 -21.24 7.03
CG MLY A 226 16.04 -20.96 5.69
CD MLY A 226 16.83 -19.69 5.71
CE MLY A 226 17.26 -19.30 4.30
NZ MLY A 226 18.06 -18.03 4.20
CH1 MLY A 226 18.27 -17.73 2.77
CH2 MLY A 226 17.43 -16.90 4.93
C MLY A 226 14.99 -22.95 8.81
O MLY A 226 15.93 -23.08 9.60
N LEU A 227 13.72 -23.02 9.20
CA LEU A 227 13.41 -23.33 10.61
C LEU A 227 13.96 -24.66 11.05
N LEU A 228 13.95 -25.61 10.11
CA LEU A 228 14.52 -26.89 10.40
C LEU A 228 16.01 -26.79 10.75
N VAL A 229 16.73 -25.84 10.16
CA VAL A 229 18.17 -25.64 10.45
C VAL A 229 18.37 -24.75 11.69
N TRP A 230 17.67 -23.63 11.76
CA TRP A 230 17.74 -22.72 12.91
C TRP A 230 17.33 -23.45 14.19
N ASN A 231 16.28 -24.27 14.04
CA ASN A 231 15.75 -25.11 15.11
C ASN A 231 15.69 -24.37 16.45
N PRO A 232 14.90 -23.28 16.50
CA PRO A 232 14.88 -22.44 17.70
C PRO A 232 14.40 -23.24 18.92
N GLU A 233 15.00 -23.02 20.09
CA GLU A 233 14.58 -23.71 21.30
C GLU A 233 13.15 -23.40 21.72
N TYR A 234 12.79 -22.13 21.53
CA TYR A 234 11.46 -21.61 21.81
C TYR A 234 10.88 -20.94 20.53
N ILE A 235 9.60 -21.20 20.30
CA ILE A 235 8.78 -20.54 19.25
C ILE A 235 7.62 -19.80 19.87
N PHE A 236 7.46 -18.54 19.47
CA PHE A 236 6.38 -17.70 19.90
C PHE A 236 5.52 -17.42 18.66
N ILE A 237 4.21 -17.62 18.79
CA ILE A 237 3.29 -17.37 17.73
C ILE A 237 2.45 -16.11 18.04
N ASP A 238 2.67 -15.06 17.27
CA ASP A 238 1.80 -13.87 17.32
C ASP A 238 0.38 -14.31 16.94
N GLU A 239 -0.58 -14.05 17.82
CA GLU A 239 -1.91 -14.59 17.68
C GLU A 239 -2.76 -14.01 16.56
N ASN A 240 -2.28 -12.96 15.92
CA ASN A 240 -2.94 -12.55 14.69
C ASN A 240 -2.83 -13.63 13.58
N GLY A 241 -1.74 -14.41 13.60
CA GLY A 241 -1.49 -15.52 12.66
C GLY A 241 -1.75 -16.90 13.14
N LEU A 242 -2.29 -17.05 14.36
CA LEU A 242 -2.44 -18.35 14.99
C LEU A 242 -3.27 -19.29 14.13
N SER A 243 -4.43 -18.82 13.64
CA SER A 243 -5.31 -19.66 12.82
C SER A 243 -4.57 -20.27 11.64
N LEU A 244 -3.79 -19.42 10.96
CA LEU A 244 -3.01 -19.84 9.78
C LEU A 244 -1.94 -20.87 10.18
N VAL A 245 -1.31 -20.67 11.34
CA VAL A 245 -0.29 -21.59 11.84
C VAL A 245 -0.91 -22.93 12.16
N LEU A 246 -2.05 -22.94 12.84
CA LEU A 246 -2.77 -24.16 13.18
C LEU A 246 -3.20 -24.95 11.95
N ASP A 247 -3.68 -24.24 10.94
CA ASP A 247 -4.10 -24.89 9.69
C ASP A 247 -2.87 -25.49 8.99
N ASP A 248 -1.77 -24.76 9.02
CA ASP A 248 -0.50 -25.24 8.47
C ASP A 248 -0.03 -26.50 9.19
N TYR A 249 -0.11 -26.50 10.52
CA TYR A 249 0.25 -27.66 11.33
C TYR A 249 -0.56 -28.92 10.92
N SER A 250 -1.88 -28.75 10.76
CA SER A 250 -2.77 -29.87 10.45
C SER A 250 -2.40 -30.45 9.07
N MLY A 251 -1.91 -29.60 8.18
CA MLY A 251 -1.53 -30.03 6.83
CB MLY A 251 -1.72 -28.88 5.83
CG MLY A 251 -3.17 -28.49 5.66
CD MLY A 251 -3.33 -27.28 4.76
CE MLY A 251 -4.81 -26.92 4.61
NZ MLY A 251 -5.01 -25.50 4.16
CH1 MLY A 251 -4.37 -25.33 2.83
CH2 MLY A 251 -6.45 -25.21 4.11
C MLY A 251 -0.10 -30.55 6.73
O MLY A 251 0.23 -31.29 5.78
N HIS A 252 0.73 -30.19 7.69
CA HIS A 252 2.16 -30.51 7.66
C HIS A 252 2.70 -30.90 9.00
N ARG A 253 2.06 -31.90 9.59
CA ARG A 253 2.34 -32.28 10.96
C ARG A 253 3.78 -32.74 11.14
N GLU A 254 4.30 -33.46 10.15
CA GLU A 254 5.65 -34.06 10.24
C GLU A 254 6.76 -33.00 10.32
N PHE A 255 6.65 -31.97 9.47
CA PHE A 255 7.50 -30.79 9.56
C PHE A 255 7.57 -30.21 10.97
N TYR A 256 6.39 -29.89 11.53
CA TYR A 256 6.32 -29.25 12.84
C TYR A 256 6.82 -30.19 13.95
N GLU A 257 6.46 -31.47 13.89
CA GLU A 257 6.84 -32.36 14.98
C GLU A 257 8.35 -32.65 14.99
N SER A 258 9.04 -32.32 13.89
CA SER A 258 10.53 -32.44 13.81
C SER A 258 11.30 -31.30 14.48
N LEU A 259 10.65 -30.17 14.73
CA LEU A 259 11.24 -29.03 15.44
C LEU A 259 11.38 -29.31 16.93
N SER A 260 12.58 -29.07 17.46
CA SER A 260 12.78 -29.20 18.92
C SER A 260 11.83 -28.38 19.80
N ALA A 261 11.43 -27.21 19.34
CA ALA A 261 10.50 -26.38 20.10
C ALA A 261 9.17 -27.15 20.28
N VAL A 262 8.71 -27.79 19.21
CA VAL A 262 7.46 -28.56 19.21
C VAL A 262 7.63 -29.78 20.09
N MLY A 263 8.74 -30.48 19.88
CA MLY A 263 9.06 -31.67 20.64
CB MLY A 263 10.47 -32.20 20.30
CG MLY A 263 10.54 -32.87 18.96
CD MLY A 263 11.97 -33.40 18.71
CE MLY A 263 12.18 -33.90 17.27
NZ MLY A 263 13.61 -34.32 16.97
CH1 MLY A 263 13.64 -35.08 15.72
CH2 MLY A 263 14.51 -33.14 16.85
C MLY A 263 8.99 -31.42 22.14
O MLY A 263 8.46 -32.25 22.88
N ARG A 264 9.56 -30.30 22.58
CA ARG A 264 9.67 -29.97 24.02
C ARG A 264 8.47 -29.17 24.59
N GLY A 265 7.44 -28.91 23.79
CA GLY A 265 6.30 -28.12 24.23
C GLY A 265 6.57 -26.63 24.39
N MLY A 266 7.63 -26.14 23.75
CA MLY A 266 8.06 -24.77 23.90
CB MLY A 266 9.61 -24.71 23.96
CG MLY A 266 10.16 -25.22 25.32
CD MLY A 266 11.67 -25.36 25.29
CE MLY A 266 12.14 -25.65 26.74
NZ MLY A 266 13.60 -25.88 26.86
CH1 MLY A 266 14.02 -25.78 28.29
CH2 MLY A 266 13.93 -27.22 26.30
C MLY A 266 7.54 -23.95 22.72
O MLY A 266 8.31 -23.33 22.02
N VAL A 267 6.22 -23.99 22.54
CA VAL A 267 5.52 -23.22 21.56
C VAL A 267 4.46 -22.48 22.30
N TYR A 268 4.49 -21.15 22.19
CA TYR A 268 3.63 -20.23 22.99
C TYR A 268 2.92 -19.20 22.17
N GLY A 269 1.77 -18.80 22.65
CA GLY A 269 1.00 -17.71 22.05
C GLY A 269 1.27 -16.39 22.74
N ILE A 270 1.42 -15.35 21.90
CA ILE A 270 1.54 -13.97 22.36
C ILE A 270 0.49 -13.10 21.68
N LEU A 271 0.15 -12.00 22.33
CA LEU A 271 -0.82 -11.09 21.75
C LEU A 271 -0.19 -10.28 20.62
N PRO A 272 -0.98 -9.99 19.56
CA PRO A 272 -0.48 -9.11 18.50
C PRO A 272 -0.39 -7.70 19.06
N TYR A 273 0.65 -6.96 18.68
CA TYR A 273 0.77 -5.56 19.07
C TYR A 273 0.87 -4.57 17.93
N ASN A 274 1.04 -5.05 16.69
CA ASN A 274 1.33 -4.15 15.56
C ASN A 274 0.15 -3.56 14.76
N TYR A 275 -1.07 -3.71 15.25
CA TYR A 275 -2.28 -3.32 14.51
C TYR A 275 -2.54 -1.82 14.65
N TYR A 276 -2.41 -1.13 13.51
CA TYR A 276 -2.54 0.35 13.38
C TYR A 276 -1.41 1.01 14.15
N THR A 277 -0.20 0.66 13.71
CA THR A 277 1.06 0.87 14.43
C THR A 277 1.03 0.36 15.89
N THR A 278 2.04 0.73 16.67
CA THR A 278 2.35 -0.02 17.88
C THR A 278 1.39 0.19 19.04
N ASN A 279 0.81 -0.93 19.51
CA ASN A 279 0.10 -0.95 20.76
C ASN A 279 1.17 -1.20 21.86
N ILE A 280 1.70 -0.10 22.40
CA ILE A 280 2.87 -0.14 23.24
C ILE A 280 2.62 -1.00 24.49
N GLY A 281 1.40 -0.91 25.08
CA GLY A 281 1.07 -1.71 26.26
C GLY A 281 1.17 -3.21 25.95
N THR A 282 0.59 -3.59 24.84
CA THR A 282 0.64 -4.98 24.42
C THR A 282 2.05 -5.45 24.14
N ALA A 283 2.85 -4.61 23.48
CA ALA A 283 4.28 -4.98 23.21
C ALA A 283 5.06 -5.20 24.52
N LEU A 284 4.88 -4.30 25.49
CA LEU A 284 5.49 -4.51 26.81
C LEU A 284 4.98 -5.74 27.53
N ALA A 285 3.67 -5.99 27.48
CA ALA A 285 3.07 -7.18 28.12
C ALA A 285 3.68 -8.45 27.48
N ASP A 286 3.83 -8.46 26.16
CA ASP A 286 4.40 -9.58 25.44
C ASP A 286 5.84 -9.79 25.91
N ALA A 287 6.61 -8.70 26.13
CA ALA A 287 8.02 -8.82 26.54
C ALA A 287 8.10 -9.42 27.94
N TYR A 288 7.21 -9.01 28.84
CA TYR A 288 7.14 -9.66 30.20
C TYR A 288 6.80 -11.14 30.13
N PHE A 289 5.87 -11.51 29.26
CA PHE A 289 5.52 -12.93 29.07
C PHE A 289 6.71 -13.73 28.52
N ILE A 290 7.31 -13.23 27.45
CA ILE A 290 8.51 -13.91 26.85
C ILE A 290 9.64 -13.99 27.90
N GLY A 291 9.85 -12.96 28.71
CA GLY A 291 10.94 -12.99 29.70
C GLY A 291 10.71 -14.09 30.70
N LYS A 292 9.46 -14.26 31.14
CA LYS A 292 9.12 -15.29 32.10
C LYS A 292 9.32 -16.67 31.53
N VAL A 293 8.98 -16.82 30.26
CA VAL A 293 9.22 -18.08 29.59
C VAL A 293 10.71 -18.43 29.50
N LEU A 294 11.52 -17.48 29.03
CA LEU A 294 12.95 -17.74 28.80
C LEU A 294 13.75 -17.77 30.11
N TYR A 295 13.44 -16.85 31.01
CA TYR A 295 14.17 -16.68 32.26
C TYR A 295 13.25 -16.75 33.48
N PRO A 296 12.60 -17.91 33.71
CA PRO A 296 11.59 -17.98 34.78
C PRO A 296 12.12 -17.55 36.17
N GLU A 297 13.36 -17.92 36.51
CA GLU A 297 13.88 -17.53 37.81
C GLU A 297 13.94 -16.01 38.01
N ARG A 298 14.08 -15.24 36.93
CA ARG A 298 14.12 -13.77 37.00
C ARG A 298 12.77 -13.06 36.96
N PHE A 299 11.72 -13.84 36.81
CA PHE A 299 10.35 -13.37 36.72
C PHE A 299 9.39 -14.04 37.70
N THR A 300 9.90 -14.57 38.82
CA THR A 300 9.06 -15.34 39.74
C THR A 300 7.93 -14.49 40.32
N ASP A 301 8.15 -13.18 40.39
CA ASP A 301 7.18 -12.22 40.93
C ASP A 301 6.15 -11.73 39.93
N ILE A 302 6.30 -12.15 38.67
CA ILE A 302 5.49 -11.65 37.56
C ILE A 302 4.51 -12.76 37.13
N ASP A 303 3.23 -12.43 37.23
CA ASP A 303 2.14 -13.15 36.59
C ASP A 303 1.89 -12.38 35.30
N PRO A 304 2.23 -12.98 34.15
CA PRO A 304 2.10 -12.22 32.91
C PRO A 304 0.72 -11.65 32.57
N GLU A 305 -0.34 -12.37 32.94
CA GLU A 305 -1.71 -11.86 32.68
C GLU A 305 -2.06 -10.69 33.58
N GLU A 306 -1.65 -10.77 34.85
CA GLU A 306 -1.84 -9.64 35.80
C GLU A 306 -1.00 -8.43 35.37
N MLY A 307 0.23 -8.71 34.95
CA MLY A 307 1.13 -7.65 34.51
CB MLY A 307 2.55 -8.24 34.26
CG MLY A 307 3.54 -7.21 33.72
CD MLY A 307 3.85 -6.12 34.74
CE MLY A 307 4.79 -5.11 34.16
NZ MLY A 307 5.20 -4.00 35.11
CH1 MLY A 307 6.16 -4.51 36.14
CH2 MLY A 307 5.89 -2.94 34.30
C MLY A 307 0.56 -6.94 33.27
O MLY A 307 0.61 -5.70 33.18
N ALA A 308 -0.03 -7.70 32.36
CA ALA A 308 -0.68 -7.11 31.16
C ALA A 308 -1.75 -6.12 31.60
N ASP A 309 -2.59 -6.54 32.54
CA ASP A 309 -3.60 -5.63 33.09
C ASP A 309 -3.07 -4.46 33.89
N GLU A 310 -1.96 -4.63 34.59
CA GLU A 310 -1.29 -3.48 35.23
C GLU A 310 -0.84 -2.41 34.20
N ILE A 311 -0.25 -2.88 33.11
CA ILE A 311 0.18 -2.06 31.96
C ILE A 311 -1.02 -1.33 31.35
N TYR A 312 -2.09 -2.07 31.04
CA TYR A 312 -3.26 -1.51 30.40
C TYR A 312 -3.94 -0.53 31.34
N GLU A 313 -4.01 -0.89 32.61
CA GLU A 313 -4.65 0.01 33.56
C GLU A 313 -3.89 1.34 33.66
N PHE A 314 -2.56 1.27 33.70
CA PHE A 314 -1.75 2.47 33.74
C PHE A 314 -1.93 3.30 32.46
N LEU A 315 -1.76 2.67 31.29
CA LEU A 315 -1.73 3.44 30.03
C LEU A 315 -3.12 3.89 29.60
N LEU A 316 -4.12 3.04 29.89
CA LEU A 316 -5.44 3.20 29.30
C LEU A 316 -6.60 3.28 30.30
N GLY A 317 -6.27 3.08 31.58
CA GLY A 317 -7.26 3.18 32.64
C GLY A 317 -8.29 2.07 32.77
N MLY A 318 -8.11 0.98 32.03
CA MLY A 318 -9.03 -0.15 32.02
CB MLY A 318 -10.07 0.00 30.91
CB MLY A 318 -10.06 -0.04 30.89
CG MLY A 318 -11.19 0.99 31.26
CG MLY A 318 -11.21 -1.08 31.00
CD MLY A 318 -11.94 0.57 32.50
CD MLY A 318 -12.38 -0.73 30.07
CE MLY A 318 -13.12 1.45 32.81
CE MLY A 318 -13.71 -1.41 30.47
NZ MLY A 318 -12.98 2.87 32.41
NZ MLY A 318 -14.82 -0.76 29.69
CH1 MLY A 318 -14.32 3.48 32.40
CH1 MLY A 318 -14.89 0.69 29.88
CH2 MLY A 318 -12.09 3.59 33.34
CH2 MLY A 318 -14.62 -0.96 28.25
C MLY A 318 -8.25 -1.44 31.82
O MLY A 318 -7.27 -1.52 31.05
N ARG A 319 -8.70 -2.47 32.53
CA ARG A 319 -8.04 -3.76 32.49
C ARG A 319 -8.62 -4.60 31.34
N VAL A 320 -8.03 -4.43 30.17
CA VAL A 320 -8.56 -5.01 28.93
C VAL A 320 -7.91 -6.33 28.47
N TYR A 321 -7.05 -6.91 29.29
CA TYR A 321 -6.37 -8.12 28.89
C TYR A 321 -7.36 -9.24 28.57
N GLY A 322 -8.36 -9.39 29.43
CA GLY A 322 -9.37 -10.44 29.26
C GLY A 322 -10.04 -10.38 27.88
N GLU A 323 -10.35 -9.17 27.44
CA GLU A 323 -10.97 -8.99 26.13
C GLU A 323 -9.99 -9.29 25.03
N MSE A 324 -8.74 -8.89 25.21
CA MSE A 324 -7.69 -9.27 24.26
C MSE A 324 -7.53 -10.81 24.17
O MSE A 324 -7.33 -11.33 23.09
CB MSE A 324 -6.34 -8.62 24.63
CG MSE A 324 -6.31 -7.09 24.43
SE MSE A 324 -6.40 -6.57 22.55
CE MSE A 324 -4.75 -7.34 21.96
N ALA A 325 -7.56 -11.49 25.30
CA ALA A 325 -7.39 -12.96 25.32
C ALA A 325 -8.59 -13.64 24.66
N GLU A 326 -9.76 -13.05 24.82
CA GLU A 326 -10.95 -13.57 24.15
C GLU A 326 -10.86 -13.38 22.63
N GLN A 327 -10.34 -12.24 22.17
CA GLN A 327 -10.14 -12.00 20.72
C GLN A 327 -9.09 -12.98 20.16
N PHE A 328 -7.94 -13.13 20.84
CA PHE A 328 -6.76 -13.76 20.23
C PHE A 328 -6.27 -15.06 20.81
N GLY A 329 -6.61 -15.30 22.07
CA GLY A 329 -6.18 -16.50 22.81
C GLY A 329 -5.54 -16.18 24.14
N GLY A 330 -4.69 -15.16 24.17
CA GLY A 330 -3.98 -14.82 25.41
C GLY A 330 -2.66 -15.58 25.53
N PHE A 331 -1.98 -15.35 26.65
CA PHE A 331 -0.67 -15.91 26.88
C PHE A 331 -0.76 -17.36 27.36
N GLY A 332 0.13 -18.17 26.82
CA GLY A 332 0.25 -19.54 27.27
C GLY A 332 0.86 -20.42 26.23
N MLY A 333 1.24 -21.62 26.64
CA MLY A 333 1.65 -22.66 25.70
CB MLY A 333 1.97 -23.97 26.42
CG MLY A 333 3.30 -23.93 27.07
CD MLY A 333 3.71 -25.33 27.55
CE MLY A 333 5.04 -25.20 28.27
NZ MLY A 333 5.78 -26.47 28.66
CH1 MLY A 333 6.00 -26.42 30.10
CH2 MLY A 333 5.17 -27.72 28.16
C MLY A 333 0.52 -22.96 24.73
O MLY A 333 -0.65 -22.91 25.12
N ILE A 334 0.87 -23.23 23.48
CA ILE A 334 -0.12 -23.69 22.47
C ILE A 334 0.01 -25.20 22.25
N ASP A 335 -1.13 -25.90 22.32
CA ASP A 335 -1.21 -27.29 21.91
C ASP A 335 -1.57 -27.25 20.43
N LEU A 336 -0.61 -27.53 19.56
CA LEU A 336 -0.82 -27.35 18.13
C LEU A 336 -1.89 -28.27 17.52
N PRO A 337 -1.93 -29.53 17.95
CA PRO A 337 -2.99 -30.46 17.50
C PRO A 337 -4.41 -30.00 17.81
N SER A 338 -4.66 -29.51 19.03
CA SER A 338 -6.01 -29.04 19.38
C SER A 338 -6.25 -27.57 19.06
N GLY A 339 -5.20 -26.74 19.05
CA GLY A 339 -5.37 -25.31 18.81
C GLY A 339 -5.67 -24.51 20.07
N ARG A 340 -5.68 -25.20 21.20
CA ARG A 340 -5.92 -24.57 22.49
C ARG A 340 -4.70 -23.86 23.03
N ILE A 341 -4.95 -22.75 23.74
CA ILE A 341 -3.95 -22.03 24.56
C ILE A 341 -4.14 -22.54 25.99
N LEU A 342 -3.05 -22.97 26.64
CA LEU A 342 -3.04 -23.34 28.05
C LEU A 342 -2.74 -22.08 28.87
N ARG A 343 -3.79 -21.38 29.27
CA ARG A 343 -3.61 -20.09 29.92
C ARG A 343 -2.95 -20.27 31.28
N GLY A 344 -2.12 -19.31 31.69
CA GLY A 344 -1.41 -19.41 32.97
C GLY A 344 -0.21 -20.34 32.91
N THR A 345 0.25 -20.68 31.70
CA THR A 345 1.47 -21.48 31.56
C THR A 345 2.59 -20.62 30.97
N TRP A 346 3.81 -21.06 31.19
CA TRP A 346 5.01 -20.45 30.64
C TRP A 346 6.14 -21.47 30.54
N HIS B 11 -14.46 26.05 -33.66
CA HIS B 11 -14.44 24.77 -34.48
C HIS B 11 -13.15 23.96 -34.22
N HIS B 12 -13.32 22.67 -33.96
CA HIS B 12 -12.20 21.79 -33.60
C HIS B 12 -12.19 20.63 -34.58
N MLY B 13 -11.02 20.08 -34.88
CA MLY B 13 -10.90 18.89 -35.75
CB MLY B 13 -9.87 19.14 -36.85
CG MLY B 13 -9.85 18.10 -37.94
CD MLY B 13 -8.89 18.49 -39.10
CE MLY B 13 -9.18 19.89 -39.75
NZ MLY B 13 -8.44 20.10 -41.08
CH1 MLY B 13 -8.39 21.51 -41.52
CH2 MLY B 13 -7.09 19.52 -41.11
C MLY B 13 -10.50 17.72 -34.90
O MLY B 13 -9.40 17.69 -34.30
N ASP B 14 -11.38 16.75 -34.80
CA ASP B 14 -11.10 15.64 -33.94
C ASP B 14 -10.21 14.58 -34.59
N LEU B 15 -10.00 13.48 -33.89
CA LEU B 15 -9.07 12.46 -34.33
C LEU B 15 -9.53 11.59 -35.52
N LEU B 16 -10.79 11.74 -35.92
CA LEU B 16 -11.29 11.17 -37.17
C LEU B 16 -11.44 12.24 -38.30
N GLY B 17 -10.90 13.44 -38.07
CA GLY B 17 -11.05 14.56 -38.99
C GLY B 17 -12.36 15.31 -38.99
N ARG B 18 -13.24 15.02 -38.01
CA ARG B 18 -14.54 15.62 -37.93
C ARG B 18 -14.34 17.02 -37.41
N GLU B 19 -14.98 18.01 -38.06
CA GLU B 19 -15.00 19.38 -37.56
C GLU B 19 -16.23 19.58 -36.65
N VAL B 20 -15.95 19.91 -35.40
CA VAL B 20 -16.98 20.00 -34.38
C VAL B 20 -17.04 21.41 -33.78
N GLU B 21 -18.24 21.99 -33.75
CA GLU B 21 -18.43 23.31 -33.17
C GLU B 21 -18.75 23.19 -31.69
N ILE B 22 -18.01 23.90 -30.84
CA ILE B 22 -18.29 23.87 -29.39
C ILE B 22 -18.27 25.29 -28.86
N PRO B 23 -19.23 25.65 -27.98
CA PRO B 23 -19.21 27.00 -27.43
C PRO B 23 -17.95 27.20 -26.61
N SER B 24 -17.36 28.40 -26.66
CA SER B 24 -16.04 28.58 -26.06
C SER B 24 -16.10 28.35 -24.53
N ASN B 25 -17.29 28.48 -23.98
CA ASN B 25 -17.50 28.23 -22.56
C ASN B 25 -17.90 26.77 -22.28
N VAL B 26 -16.90 25.95 -21.90
CA VAL B 26 -17.15 24.54 -21.52
C VAL B 26 -16.92 24.37 -20.02
N ASN B 27 -17.94 23.86 -19.34
CA ASN B 27 -17.97 23.66 -17.89
C ASN B 27 -18.39 22.24 -17.45
N ARG B 28 -19.07 21.51 -18.35
CA ARG B 28 -19.65 20.20 -18.00
C ARG B 28 -19.34 19.26 -19.14
N ILE B 29 -18.78 18.11 -18.79
CA ILE B 29 -18.30 17.14 -19.77
C ILE B 29 -18.63 15.72 -19.35
N VAL B 30 -18.57 14.84 -20.36
CA VAL B 30 -18.64 13.39 -20.17
C VAL B 30 -17.56 12.80 -21.06
N ALA B 31 -16.85 11.79 -20.56
CA ALA B 31 -15.78 11.10 -21.30
C ALA B 31 -16.12 9.63 -21.25
N VAL B 32 -16.30 9.03 -22.42
CA VAL B 32 -16.68 7.63 -22.50
C VAL B 32 -15.78 6.84 -23.47
N GLY B 33 -15.70 5.54 -23.26
CA GLY B 33 -14.88 4.65 -24.05
C GLY B 33 -13.55 4.43 -23.37
N PRO B 34 -12.83 3.35 -23.75
CA PRO B 34 -11.56 3.01 -23.12
C PRO B 34 -10.59 4.20 -23.15
N GLY B 35 -10.14 4.65 -21.97
CA GLY B 35 -9.13 5.69 -21.90
C GLY B 35 -9.57 7.16 -22.02
N ALA B 36 -10.84 7.39 -22.30
CA ALA B 36 -11.32 8.76 -22.49
C ALA B 36 -11.26 9.52 -21.14
N LEU B 37 -11.82 8.93 -20.09
CA LEU B 37 -11.79 9.57 -18.78
C LEU B 37 -10.36 9.72 -18.26
N ARG B 38 -9.50 8.74 -18.55
CA ARG B 38 -8.10 8.84 -18.18
C ARG B 38 -7.47 10.14 -18.65
N LEU B 39 -7.69 10.49 -19.91
CA LEU B 39 -7.08 11.70 -20.49
C LEU B 39 -7.61 12.97 -19.79
N ILE B 40 -8.92 13.02 -19.50
CA ILE B 40 -9.51 14.12 -18.71
C ILE B 40 -8.83 14.24 -17.33
N ALA B 41 -8.57 13.12 -16.69
CA ALA B 41 -7.82 13.10 -15.44
C ALA B 41 -6.41 13.68 -15.62
N TYR B 42 -5.68 13.22 -16.65
CA TYR B 42 -4.34 13.77 -16.89
C TYR B 42 -4.36 15.28 -17.06
N LEU B 43 -5.47 15.80 -17.61
CA LEU B 43 -5.60 17.22 -17.92
C LEU B 43 -6.13 18.01 -16.74
N MLY B 44 -6.33 17.34 -15.61
CA MLY B 44 -6.83 18.04 -14.39
CB MLY B 44 -5.76 19.03 -13.83
CG MLY B 44 -4.47 18.31 -13.45
CD MLY B 44 -3.32 19.19 -12.95
CE MLY B 44 -3.68 19.89 -11.67
NZ MLY B 44 -2.64 20.92 -11.26
CH1 MLY B 44 -3.20 21.70 -10.13
CH2 MLY B 44 -1.40 20.24 -10.91
C MLY B 44 -8.18 18.72 -14.63
O MLY B 44 -8.44 19.85 -14.15
N ALA B 45 -9.05 18.03 -15.35
CA ALA B 45 -10.41 18.51 -15.71
C ALA B 45 -11.52 17.65 -15.08
N THR B 46 -11.21 16.89 -14.03
CA THR B 46 -12.16 15.94 -13.45
C THR B 46 -13.33 16.65 -12.77
N ASP B 47 -13.13 17.86 -12.28
CA ASP B 47 -14.26 18.54 -11.63
C ASP B 47 -15.33 18.99 -12.63
N MSE B 48 -15.01 18.90 -13.92
CA MSE B 48 -15.97 19.22 -14.95
C MSE B 48 -16.83 18.03 -15.33
O MSE B 48 -17.82 18.20 -16.04
CB MSE B 48 -15.26 19.72 -16.20
CG MSE B 48 -14.59 21.07 -16.04
SE MSE B 48 -13.58 21.57 -17.63
CE MSE B 48 -11.80 21.61 -16.88
N VAL B 49 -16.46 16.84 -14.84
CA VAL B 49 -17.09 15.61 -15.27
C VAL B 49 -18.45 15.45 -14.55
N VAL B 50 -19.52 15.24 -15.33
CA VAL B 50 -20.88 15.22 -14.79
C VAL B 50 -21.58 13.84 -14.79
N GLY B 51 -20.99 12.88 -15.49
CA GLY B 51 -21.51 11.54 -15.56
C GLY B 51 -20.36 10.57 -15.73
N VAL B 52 -20.56 9.32 -15.33
CA VAL B 52 -19.47 8.34 -15.44
C VAL B 52 -20.04 7.00 -15.87
N GLU B 53 -19.22 6.23 -16.56
CA GLU B 53 -19.61 4.86 -16.89
C GLU B 53 -19.66 3.97 -15.64
N ASP B 54 -20.62 3.05 -15.58
CA ASP B 54 -20.70 2.04 -14.52
C ASP B 54 -19.41 1.21 -14.33
N PHE B 55 -18.67 1.06 -15.43
CA PHE B 55 -17.40 0.36 -15.51
C PHE B 55 -16.42 0.75 -14.40
N GLU B 56 -16.33 2.04 -14.11
CA GLU B 56 -15.33 2.58 -13.17
C GLU B 56 -15.47 1.98 -11.78
N MLY B 57 -16.70 1.89 -11.28
CA MLY B 57 -16.99 1.26 -9.97
CB MLY B 57 -18.24 1.84 -9.32
CG MLY B 57 -19.57 1.47 -10.00
CD MLY B 57 -20.79 2.15 -9.37
CE MLY B 57 -22.05 2.02 -10.27
C MLY B 57 -17.06 -0.28 -10.07
O MLY B 57 -16.64 -0.99 -9.18
N LEU B 58 -17.58 -0.80 -11.18
CA LEU B 58 -17.77 -2.24 -11.28
C LEU B 58 -16.46 -3.00 -11.53
N ARG B 59 -15.50 -2.35 -12.20
CA ARG B 59 -14.22 -2.99 -12.46
C ARG B 59 -13.16 -2.06 -11.91
N PRO B 60 -12.91 -2.11 -10.59
CA PRO B 60 -12.14 -1.07 -9.91
C PRO B 60 -10.61 -1.09 -10.08
N TYR B 61 -10.04 -2.16 -10.62
CA TYR B 61 -8.59 -2.39 -10.60
C TYR B 61 -7.82 -1.99 -11.87
N GLY B 62 -6.52 -1.81 -11.71
CA GLY B 62 -5.60 -1.69 -12.84
C GLY B 62 -5.41 -0.29 -13.37
N ARG B 63 -6.07 0.70 -12.77
CA ARG B 63 -6.14 2.06 -13.33
C ARG B 63 -5.82 3.15 -12.28
N PRO B 64 -4.59 3.64 -12.29
CA PRO B 64 -4.21 4.76 -11.41
C PRO B 64 -5.18 5.91 -11.41
N TYR B 65 -5.77 6.25 -12.55
CA TYR B 65 -6.60 7.47 -12.56
C TYR B 65 -7.80 7.39 -11.63
N ILE B 66 -8.42 6.22 -11.49
CA ILE B 66 -9.59 6.05 -10.66
C ILE B 66 -9.20 5.88 -9.19
N LEU B 67 -7.93 5.51 -8.95
CA LEU B 67 -7.39 5.53 -7.61
C LEU B 67 -7.08 6.98 -7.17
N ALA B 68 -6.67 7.82 -8.12
CA ALA B 68 -6.35 9.23 -7.86
C ALA B 68 -7.61 10.06 -7.71
N TYR B 69 -8.65 9.71 -8.46
CA TYR B 69 -9.91 10.45 -8.43
C TYR B 69 -11.11 9.51 -8.18
N PRO B 70 -11.16 8.88 -6.99
CA PRO B 70 -12.18 7.87 -6.75
C PRO B 70 -13.61 8.45 -6.69
N GLU B 71 -13.73 9.74 -6.45
CA GLU B 71 -15.06 10.32 -6.35
C GLU B 71 -15.76 10.31 -7.69
N LEU B 72 -15.02 10.12 -8.78
CA LEU B 72 -15.65 10.00 -10.10
C LEU B 72 -16.70 8.86 -10.11
N MLY B 73 -16.47 7.82 -9.31
CA MLY B 73 -17.36 6.64 -9.23
CB MLY B 73 -16.72 5.52 -8.38
CG MLY B 73 -15.47 4.94 -8.96
CD MLY B 73 -15.02 3.73 -8.15
CE MLY B 73 -14.38 4.10 -6.81
NZ MLY B 73 -14.31 2.92 -5.82
CH1 MLY B 73 -13.74 1.71 -6.46
CH2 MLY B 73 -13.52 3.30 -4.65
C MLY B 73 -18.74 6.93 -8.65
O MLY B 73 -19.67 6.12 -8.82
N MLY B 74 -18.88 8.09 -8.01
CA MLY B 74 -20.13 8.49 -7.39
CB MLY B 74 -19.84 9.18 -6.07
CG MLY B 74 -19.18 8.22 -5.06
CD MLY B 74 -19.12 8.85 -3.68
CE MLY B 74 -18.12 8.17 -2.73
NZ MLY B 74 -17.95 8.97 -1.48
C MLY B 74 -21.04 9.32 -8.30
O MLY B 74 -22.18 9.66 -7.91
N LEU B 75 -20.58 9.64 -9.51
CA LEU B 75 -21.34 10.49 -10.41
C LEU B 75 -22.46 9.69 -11.06
N PRO B 76 -23.49 10.39 -11.57
CA PRO B 76 -24.56 9.70 -12.29
C PRO B 76 -24.09 8.88 -13.50
N SER B 77 -24.82 7.78 -13.79
CA SER B 77 -24.43 6.87 -14.85
C SER B 77 -24.70 7.46 -16.22
N VAL B 78 -23.75 7.22 -17.12
CA VAL B 78 -23.96 7.49 -18.55
C VAL B 78 -24.00 6.19 -19.39
N GLY B 79 -24.19 5.07 -18.70
CA GLY B 79 -24.18 3.75 -19.29
C GLY B 79 -23.15 2.82 -18.67
N PRO B 80 -23.13 1.56 -19.13
CA PRO B 80 -22.24 0.52 -18.60
C PRO B 80 -20.74 0.76 -18.81
N GLY B 81 -20.39 1.35 -19.95
CA GLY B 81 -19.02 1.41 -20.32
C GLY B 81 -18.42 0.04 -20.53
N GLY B 82 -17.11 0.02 -20.57
CA GLY B 82 -16.35 -1.15 -20.99
C GLY B 82 -16.26 -1.26 -22.51
N PRO B 83 -15.36 -2.11 -22.98
CA PRO B 83 -15.08 -2.15 -24.42
C PRO B 83 -16.32 -2.54 -25.24
N GLY B 84 -16.50 -1.89 -26.38
CA GLY B 84 -17.64 -2.15 -27.26
C GLY B 84 -19.02 -1.69 -26.81
N MLY B 85 -19.14 -0.93 -25.72
CA MLY B 85 -20.41 -0.40 -25.32
CB MLY B 85 -20.59 -0.55 -23.80
CG MLY B 85 -20.73 -1.96 -23.32
CD MLY B 85 -22.12 -2.55 -23.62
CE MLY B 85 -22.21 -4.02 -23.18
NZ MLY B 85 -23.45 -4.77 -23.63
CH1 MLY B 85 -24.65 -4.14 -23.04
CH2 MLY B 85 -23.57 -4.72 -25.10
C MLY B 85 -20.51 1.07 -25.70
O MLY B 85 -19.54 1.75 -25.73
N LEU B 86 -21.70 1.52 -26.02
CA LEU B 86 -21.95 2.91 -26.28
C LEU B 86 -22.62 3.53 -25.07
N PRO B 87 -22.50 4.85 -24.94
CA PRO B 87 -23.13 5.52 -23.82
C PRO B 87 -24.65 5.52 -24.01
N ASP B 88 -25.35 5.65 -22.90
CA ASP B 88 -26.80 5.75 -22.91
C ASP B 88 -27.20 7.15 -23.37
N LEU B 89 -27.88 7.25 -24.50
CA LEU B 89 -28.15 8.56 -25.07
C LEU B 89 -29.11 9.37 -24.24
N GLU B 90 -30.12 8.72 -23.62
CA GLU B 90 -31.05 9.47 -22.79
C GLU B 90 -30.33 10.05 -21.57
N SER B 91 -29.37 9.31 -21.00
CA SER B 91 -28.59 9.81 -19.83
C SER B 91 -27.76 11.03 -20.23
N LEU B 92 -27.15 10.98 -21.41
CA LEU B 92 -26.42 12.12 -21.93
C LEU B 92 -27.36 13.31 -22.10
N ILE B 93 -28.54 13.08 -22.68
CA ILE B 93 -29.49 14.15 -22.89
C ILE B 93 -29.92 14.78 -21.54
N THR B 94 -30.15 13.92 -20.54
CA THR B 94 -30.54 14.38 -19.18
C THR B 94 -29.47 15.22 -18.50
N LEU B 95 -28.24 14.77 -18.60
CA LEU B 95 -27.09 15.39 -17.94
C LEU B 95 -26.63 16.66 -18.68
N GLN B 96 -26.96 16.77 -19.97
CA GLN B 96 -26.64 17.96 -20.77
C GLN B 96 -25.20 18.50 -20.59
N PRO B 97 -24.21 17.62 -20.81
CA PRO B 97 -22.83 18.09 -20.86
C PRO B 97 -22.64 19.02 -22.04
N ASP B 98 -21.64 19.87 -21.99
CA ASP B 98 -21.33 20.78 -23.10
C ASP B 98 -20.62 20.07 -24.23
N VAL B 99 -19.96 18.98 -23.89
CA VAL B 99 -19.23 18.16 -24.85
C VAL B 99 -19.10 16.74 -24.31
N VAL B 100 -19.15 15.78 -25.23
CA VAL B 100 -18.88 14.36 -24.95
C VAL B 100 -17.59 13.98 -25.70
N PHE B 101 -16.61 13.54 -24.96
CA PHE B 101 -15.39 12.94 -25.50
C PHE B 101 -15.58 11.44 -25.54
N ILE B 102 -15.18 10.82 -26.66
CA ILE B 102 -15.35 9.40 -26.86
C ILE B 102 -14.11 8.81 -27.58
N THR B 103 -13.76 7.58 -27.22
CA THR B 103 -12.72 6.82 -27.92
C THR B 103 -13.33 5.53 -28.54
N TYR B 104 -12.59 4.99 -29.52
CA TYR B 104 -12.80 3.65 -30.08
C TYR B 104 -14.18 3.55 -30.72
N VAL B 105 -14.57 4.62 -31.39
CA VAL B 105 -15.74 4.61 -32.28
C VAL B 105 -15.38 5.18 -33.64
N ASP B 106 -16.25 4.91 -34.60
CA ASP B 106 -16.07 5.43 -35.95
C ASP B 106 -16.87 6.67 -36.24
N ARG B 107 -16.73 7.20 -37.46
CA ARG B 107 -17.36 8.48 -37.79
C ARG B 107 -18.89 8.40 -37.77
N MLY B 108 -19.45 7.32 -38.30
CA MLY B 108 -20.89 7.17 -38.34
CB MLY B 108 -21.35 5.95 -39.15
CG MLY B 108 -20.91 4.59 -38.68
CD MLY B 108 -21.56 3.47 -39.55
C MLY B 108 -21.47 7.13 -36.92
O MLY B 108 -22.48 7.75 -36.67
N THR B 109 -20.76 6.45 -36.03
CA THR B 109 -21.15 6.37 -34.63
C THR B 109 -21.07 7.73 -33.94
N ALA B 110 -19.96 8.46 -34.09
CA ALA B 110 -19.84 9.81 -33.46
C ALA B 110 -20.93 10.72 -33.95
N MLY B 111 -21.16 10.69 -35.24
CA MLY B 111 -22.23 11.45 -35.86
CB MLY B 111 -22.22 11.25 -37.38
CG MLY B 111 -23.23 12.04 -38.18
CD MLY B 111 -22.92 11.88 -39.66
CE MLY B 111 -23.75 12.77 -40.60
NZ MLY B 111 -25.22 12.58 -40.68
CH1 MLY B 111 -25.70 13.48 -41.73
CH2 MLY B 111 -25.57 11.20 -41.05
C MLY B 111 -23.60 11.11 -35.28
O MLY B 111 -24.40 12.02 -34.99
N ASP B 112 -23.90 9.82 -35.15
CA ASP B 112 -25.21 9.42 -34.68
C ASP B 112 -25.47 9.92 -33.24
N ILE B 113 -24.47 9.77 -32.39
CA ILE B 113 -24.54 10.19 -30.99
C ILE B 113 -24.76 11.73 -30.91
N GLN B 114 -23.95 12.47 -31.69
CA GLN B 114 -24.06 13.92 -31.74
C GLN B 114 -25.46 14.39 -32.21
N GLU B 115 -26.00 13.75 -33.22
CA GLU B 115 -27.28 14.14 -33.79
C GLU B 115 -28.44 13.79 -32.87
N MLY B 116 -28.39 12.60 -32.26
CA MLY B 116 -29.46 12.13 -31.39
CB MLY B 116 -29.31 10.63 -31.22
CG MLY B 116 -29.67 9.88 -32.50
CD MLY B 116 -29.60 8.40 -32.32
CE MLY B 116 -30.27 7.66 -33.48
NZ MLY B 116 -29.74 6.28 -33.61
CH1 MLY B 116 -30.05 5.47 -32.42
CH2 MLY B 116 -30.29 5.64 -34.82
C MLY B 116 -29.51 12.82 -30.03
O MLY B 116 -30.59 13.01 -29.47
N THR B 117 -28.37 13.24 -29.50
CA THR B 117 -28.31 13.92 -28.19
C THR B 117 -28.34 15.44 -28.33
N GLY B 118 -27.96 15.93 -29.50
CA GLY B 118 -27.82 17.37 -29.70
C GLY B 118 -26.62 17.99 -28.99
N ILE B 119 -25.67 17.14 -28.59
CA ILE B 119 -24.43 17.55 -27.87
C ILE B 119 -23.19 17.29 -28.77
N PRO B 120 -22.24 18.25 -28.81
CA PRO B 120 -21.02 18.02 -29.56
C PRO B 120 -20.27 16.77 -29.06
N VAL B 121 -19.81 15.94 -30.01
CA VAL B 121 -19.02 14.72 -29.74
C VAL B 121 -17.65 14.95 -30.36
N VAL B 122 -16.62 14.65 -29.57
CA VAL B 122 -15.24 14.77 -29.97
C VAL B 122 -14.57 13.39 -29.83
N VAL B 123 -14.12 12.83 -30.94
CA VAL B 123 -13.41 11.56 -30.91
C VAL B 123 -11.94 11.79 -30.59
N LEU B 124 -11.49 11.12 -29.54
CA LEU B 124 -10.08 11.06 -29.15
C LEU B 124 -9.52 9.68 -29.55
N SER B 125 -8.19 9.55 -29.56
CA SER B 125 -7.58 8.29 -29.90
C SER B 125 -6.20 8.10 -29.26
N TYR B 126 -5.95 6.89 -28.81
CA TYR B 126 -4.61 6.51 -28.30
C TYR B 126 -3.65 6.07 -29.44
N GLY B 127 -4.18 5.89 -30.63
CA GLY B 127 -3.34 5.43 -31.72
C GLY B 127 -2.66 4.09 -31.43
N ASN B 128 -1.43 3.98 -31.93
CA ASN B 128 -0.61 2.78 -31.81
C ASN B 128 -0.15 2.59 -30.36
N LEU B 129 -0.57 1.50 -29.74
CA LEU B 129 -0.23 1.23 -28.33
C LEU B 129 1.18 0.63 -28.13
N GLY B 130 1.92 0.47 -29.23
CA GLY B 130 3.28 -0.08 -29.22
C GLY B 130 4.39 0.94 -29.16
N THR B 131 4.03 2.17 -28.77
CA THR B 131 5.00 3.27 -28.66
C THR B 131 4.63 4.18 -27.48
N PHE B 132 5.63 4.88 -26.95
CA PHE B 132 5.43 5.93 -25.95
C PHE B 132 5.16 7.30 -26.61
N GLU B 133 5.25 7.41 -27.94
CA GLU B 133 5.16 8.71 -28.58
C GLU B 133 4.20 8.76 -29.76
N ASP B 134 3.01 8.20 -29.56
CA ASP B 134 2.03 8.17 -30.61
C ASP B 134 1.51 9.58 -30.81
N GLU B 135 1.56 10.03 -32.04
CA GLU B 135 1.16 11.38 -32.36
C GLU B 135 -0.35 11.60 -32.22
N ASP B 136 -1.18 10.58 -32.43
CA ASP B 136 -2.63 10.73 -32.21
C ASP B 136 -2.96 10.87 -30.71
N LEU B 137 -2.26 10.13 -29.85
CA LEU B 137 -2.38 10.31 -28.39
C LEU B 137 -2.03 11.72 -27.97
N PHE B 138 -0.90 12.22 -28.45
CA PHE B 138 -0.48 13.59 -28.14
C PHE B 138 -1.46 14.62 -28.69
N ARG B 139 -1.96 14.41 -29.91
CA ARG B 139 -2.97 15.30 -30.49
C ARG B 139 -4.25 15.33 -29.65
N SER B 140 -4.66 14.16 -29.19
CA SER B 140 -5.84 13.99 -28.31
C SER B 140 -5.71 14.82 -27.02
N ILE B 141 -4.53 14.79 -26.42
CA ILE B 141 -4.26 15.54 -25.20
C ILE B 141 -4.30 17.05 -25.51
N GLU B 142 -3.67 17.45 -26.62
CA GLU B 142 -3.68 18.88 -27.05
C GLU B 142 -5.10 19.37 -27.34
N LEU B 143 -5.87 18.56 -28.07
CA LEU B 143 -7.22 18.94 -28.48
C LEU B 143 -8.16 19.09 -27.28
N ALA B 144 -8.17 18.07 -26.44
CA ALA B 144 -8.97 18.11 -25.20
C ALA B 144 -8.47 19.28 -24.35
N GLY B 145 -7.15 19.50 -24.27
CA GLY B 145 -6.64 20.70 -23.59
C GLY B 145 -7.23 22.01 -24.08
N MLY B 146 -7.29 22.19 -25.39
CA MLY B 146 -7.85 23.41 -25.98
CB MLY B 146 -7.70 23.38 -27.53
CG MLY B 146 -8.42 24.46 -28.31
CD MLY B 146 -7.91 25.86 -27.98
CE MLY B 146 -8.81 26.94 -28.55
NZ MLY B 146 -8.48 28.34 -28.05
C MLY B 146 -9.30 23.56 -25.60
O MLY B 146 -9.72 24.63 -25.15
N ILE B 147 -10.08 22.51 -25.77
CA ILE B 147 -11.53 22.60 -25.51
C ILE B 147 -11.83 22.90 -24.03
N LEU B 148 -10.99 22.36 -23.14
CA LEU B 148 -11.23 22.41 -21.69
C LEU B 148 -10.54 23.59 -20.99
N GLY B 149 -9.80 24.42 -21.73
CA GLY B 149 -8.99 25.47 -21.14
C GLY B 149 -7.85 24.94 -20.26
N ARG B 150 -7.20 23.88 -20.73
CA ARG B 150 -6.09 23.24 -20.05
C ARG B 150 -4.91 23.16 -21.02
N GLU B 151 -4.71 24.19 -21.81
CA GLU B 151 -3.66 24.14 -22.87
C GLU B 151 -2.26 24.02 -22.34
N GLU B 152 -1.93 24.82 -21.34
CA GLU B 152 -0.58 24.76 -20.76
C GLU B 152 -0.35 23.36 -20.15
N ARG B 153 -1.36 22.87 -19.41
CA ARG B 153 -1.29 21.55 -18.77
C ARG B 153 -1.11 20.47 -19.83
N ALA B 154 -1.86 20.59 -20.93
CA ALA B 154 -1.74 19.65 -22.06
C ALA B 154 -0.31 19.54 -22.60
N HIS B 155 0.30 20.69 -22.80
CA HIS B 155 1.68 20.74 -23.32
CA HIS B 155 1.64 20.69 -23.36
C HIS B 155 2.64 20.13 -22.31
N GLU B 156 2.43 20.45 -21.04
CA GLU B 156 3.25 19.89 -19.96
C GLU B 156 3.18 18.38 -19.88
N VAL B 157 1.97 17.84 -20.02
CA VAL B 157 1.78 16.39 -20.03
C VAL B 157 2.55 15.73 -21.18
N VAL B 158 2.37 16.22 -22.40
CA VAL B 158 3.07 15.67 -23.55
C VAL B 158 4.59 15.80 -23.39
N ASP B 159 5.04 16.95 -22.93
CA ASP B 159 6.46 17.18 -22.76
C ASP B 159 7.06 16.21 -21.76
N PHE B 160 6.32 15.94 -20.69
CA PHE B 160 6.75 15.00 -19.66
C PHE B 160 6.96 13.60 -20.22
N ILE B 161 6.01 13.19 -21.05
CA ILE B 161 6.09 11.87 -21.65
C ILE B 161 7.29 11.78 -22.60
N ARG B 162 7.42 12.77 -23.48
CA ARG B 162 8.55 12.82 -24.39
C ARG B 162 9.89 12.82 -23.66
N MLY B 163 9.99 13.60 -22.58
CA MLY B 163 11.24 13.67 -21.84
CB MLY B 163 11.21 14.87 -20.91
CG MLY B 163 11.27 16.20 -21.63
CD MLY B 163 12.62 16.49 -22.24
C MLY B 163 11.59 12.38 -21.10
O MLY B 163 12.78 12.00 -20.98
N ALA B 164 10.56 11.66 -20.67
CA ALA B 164 10.71 10.32 -20.07
C ALA B 164 11.27 9.30 -21.09
N GLN B 165 10.67 9.26 -22.27
CA GLN B 165 11.22 8.47 -23.39
C GLN B 165 12.70 8.81 -23.69
N GLU B 166 13.03 10.08 -23.88
CA GLU B 166 14.37 10.52 -24.20
C GLU B 166 15.32 10.09 -23.09
N ASP B 167 14.88 10.21 -21.84
CA ASP B 167 15.75 9.85 -20.68
C ASP B 167 16.07 8.34 -20.69
N LEU B 168 15.05 7.52 -20.94
CA LEU B 168 15.22 6.06 -21.01
C LEU B 168 16.21 5.69 -22.13
N VAL B 169 16.06 6.35 -23.30
CA VAL B 169 17.00 6.12 -24.43
C VAL B 169 18.44 6.53 -24.06
N THR B 170 18.55 7.71 -23.43
CA THR B 170 19.85 8.23 -23.06
C THR B 170 20.55 7.30 -22.12
N ARG B 171 19.83 6.87 -21.09
CA ARG B 171 20.39 5.95 -20.07
C ARG B 171 20.81 4.59 -20.61
N SER B 172 20.12 4.12 -21.64
CA SER B 172 20.34 2.79 -22.24
C SER B 172 21.36 2.82 -23.39
N GLU B 173 21.73 4.02 -23.85
CA GLU B 173 22.59 4.17 -25.04
C GLU B 173 23.91 3.47 -24.84
N GLY B 174 24.30 2.60 -25.78
CA GLY B 174 25.67 2.05 -25.77
C GLY B 174 25.86 0.79 -24.95
N VAL B 175 24.81 0.28 -24.30
CA VAL B 175 24.94 -0.94 -23.46
C VAL B 175 24.51 -2.16 -24.29
N GLU B 176 25.14 -3.30 -24.05
CA GLU B 176 24.79 -4.54 -24.76
C GLU B 176 23.37 -4.92 -24.37
N SER B 177 22.62 -5.37 -25.34
CA SER B 177 21.19 -5.67 -25.14
C SER B 177 21.02 -7.12 -24.70
N PRO B 178 20.49 -7.37 -23.49
CA PRO B 178 20.24 -8.75 -23.08
C PRO B 178 18.94 -9.28 -23.67
N THR B 179 18.82 -10.60 -23.68
CA THR B 179 17.55 -11.19 -24.09
C THR B 179 16.54 -11.13 -22.94
N VAL B 180 15.29 -10.88 -23.31
CA VAL B 180 14.23 -10.68 -22.35
C VAL B 180 12.88 -11.28 -22.87
N TYR B 181 11.96 -11.44 -21.93
CA TYR B 181 10.63 -11.93 -22.19
C TYR B 181 9.67 -11.30 -21.20
N VAL B 182 8.46 -10.90 -21.66
CA VAL B 182 7.37 -10.51 -20.74
C VAL B 182 6.20 -11.51 -20.85
N GLY B 183 5.73 -12.03 -19.71
CA GLY B 183 4.63 -12.98 -19.71
C GLY B 183 3.55 -12.46 -18.78
N GLY B 184 2.40 -13.12 -18.80
CA GLY B 184 1.31 -12.79 -17.89
C GLY B 184 0.43 -11.63 -18.36
N ILE B 185 0.60 -11.23 -19.61
CA ILE B 185 -0.14 -10.09 -20.16
C ILE B 185 -1.65 -10.38 -20.27
N GLY B 186 -2.46 -9.48 -19.74
CA GLY B 186 -3.91 -9.61 -19.88
C GLY B 186 -4.32 -9.37 -21.31
N TYR B 187 -5.32 -10.11 -21.75
CA TYR B 187 -5.79 -9.99 -23.13
C TYR B 187 -7.16 -10.58 -23.16
N MLY B 188 -8.16 -9.71 -23.07
CA MLY B 188 -9.54 -10.12 -22.96
CB MLY B 188 -10.00 -10.63 -24.36
CG MLY B 188 -10.14 -9.42 -25.28
CD MLY B 188 -9.91 -9.66 -26.73
CE MLY B 188 -9.86 -8.30 -27.44
NZ MLY B 188 -10.09 -8.44 -28.92
C MLY B 188 -9.71 -11.16 -21.84
O MLY B 188 -10.38 -12.15 -21.98
N GLY B 189 -9.08 -10.88 -20.70
CA GLY B 189 -9.06 -11.79 -19.57
C GLY B 189 -7.61 -12.05 -19.14
N ALA B 190 -7.44 -12.62 -17.95
CA ALA B 190 -6.11 -12.88 -17.40
C ALA B 190 -5.51 -14.16 -18.01
N HIS B 191 -4.19 -14.13 -18.21
CA HIS B 191 -3.46 -15.23 -18.81
C HIS B 191 -2.12 -15.36 -18.09
N GLY B 192 -1.51 -16.52 -18.24
CA GLY B 192 -0.23 -16.79 -17.59
C GLY B 192 0.99 -16.56 -18.49
N ILE B 193 1.97 -17.44 -18.34
CA ILE B 193 3.28 -17.24 -18.92
C ILE B 193 3.33 -17.12 -20.45
N ASP B 194 2.41 -17.80 -21.14
CA ASP B 194 2.31 -17.88 -22.62
C ASP B 194 1.70 -16.62 -23.31
N SER B 195 1.30 -15.66 -22.50
CA SER B 195 0.68 -14.43 -22.98
C SER B 195 1.68 -13.28 -22.93
N THR B 196 2.10 -12.83 -24.11
CA THR B 196 3.23 -11.92 -24.22
C THR B 196 2.90 -10.81 -25.23
N GLU B 197 3.91 -9.99 -25.54
CA GLU B 197 3.80 -8.89 -26.52
C GLU B 197 5.07 -8.77 -27.34
N ALA B 198 4.93 -8.69 -28.66
CA ALA B 198 6.05 -8.32 -29.58
C ALA B 198 6.05 -6.79 -29.73
N MLY B 199 7.19 -6.17 -29.90
CA MLY B 199 7.27 -4.72 -29.86
CB MLY B 199 6.67 -4.07 -31.13
CG MLY B 199 7.08 -2.60 -31.34
CD MLY B 199 6.35 -1.92 -32.51
CE MLY B 199 6.77 -0.44 -32.67
NZ MLY B 199 6.10 0.22 -33.86
CH1 MLY B 199 4.79 0.79 -33.45
CH2 MLY B 199 6.99 1.25 -34.42
C MLY B 199 6.63 -4.16 -28.58
O MLY B 199 5.69 -3.35 -28.60
N TYR B 200 7.13 -4.63 -27.44
CA TYR B 200 6.65 -4.23 -26.11
C TYR B 200 7.32 -2.89 -25.76
N PRO B 201 6.52 -1.79 -25.63
CA PRO B 201 7.18 -0.49 -25.54
C PRO B 201 8.24 -0.32 -24.45
N PRO B 202 8.03 -0.84 -23.23
CA PRO B 202 9.14 -0.76 -22.28
C PRO B 202 10.43 -1.44 -22.73
N PHE B 203 10.37 -2.58 -23.45
CA PHE B 203 11.56 -3.21 -24.00
C PHE B 203 12.14 -2.36 -25.16
N VAL B 204 11.26 -1.85 -26.04
CA VAL B 204 11.74 -1.13 -27.23
C VAL B 204 12.52 0.13 -26.86
N VAL B 205 12.03 0.88 -25.87
CA VAL B 205 12.74 2.09 -25.44
C VAL B 205 14.13 1.84 -24.83
N LEU B 206 14.29 0.66 -24.22
CA LEU B 206 15.54 0.19 -23.64
C LEU B 206 16.39 -0.68 -24.62
N HIS B 207 15.94 -0.76 -25.87
CA HIS B 207 16.48 -1.66 -26.93
C HIS B 207 16.75 -3.09 -26.43
N ALA B 208 15.93 -3.58 -25.50
CA ALA B 208 16.11 -4.95 -25.02
C ALA B 208 15.77 -5.92 -26.12
N ARG B 209 16.46 -7.06 -26.16
CA ARG B 209 16.24 -8.06 -27.19
C ARG B 209 15.06 -8.94 -26.75
N ASN B 210 13.86 -8.54 -27.16
CA ASN B 210 12.64 -9.26 -26.85
C ASN B 210 12.63 -10.53 -27.69
N VAL B 211 12.64 -11.70 -27.03
CA VAL B 211 12.77 -12.96 -27.75
C VAL B 211 11.60 -13.27 -28.67
N VAL B 212 10.44 -12.63 -28.50
CA VAL B 212 9.29 -12.92 -29.38
C VAL B 212 9.16 -11.89 -30.55
N ASP B 213 10.09 -10.94 -30.68
CA ASP B 213 9.94 -9.87 -31.68
C ASP B 213 9.92 -10.38 -33.15
N GLU B 214 10.46 -11.55 -33.38
CA GLU B 214 10.33 -12.23 -34.69
C GLU B 214 8.87 -12.34 -35.13
N LEU B 215 7.95 -12.30 -34.17
CA LEU B 215 6.53 -12.48 -34.45
C LEU B 215 5.82 -11.20 -34.92
N GLY B 216 6.53 -10.07 -34.91
CA GLY B 216 5.99 -8.82 -35.41
C GLY B 216 5.73 -7.85 -34.29
N GLU B 217 4.45 -7.66 -33.99
CA GLU B 217 4.03 -6.56 -33.15
C GLU B 217 2.69 -6.86 -32.49
N GLY B 218 2.53 -6.39 -31.26
CA GLY B 218 1.31 -6.56 -30.49
C GLY B 218 1.20 -7.86 -29.71
N HIS B 219 0.03 -8.08 -29.15
CA HIS B 219 -0.18 -9.26 -28.32
C HIS B 219 0.03 -10.55 -29.09
N MLY B 220 0.72 -11.49 -28.43
CA MLY B 220 0.92 -12.84 -28.91
CB MLY B 220 2.35 -13.04 -29.44
CG MLY B 220 2.78 -12.03 -30.51
CD MLY B 220 1.99 -12.16 -31.83
CE MLY B 220 2.27 -10.96 -32.77
NZ MLY B 220 1.41 -10.93 -34.04
CH1 MLY B 220 1.47 -12.20 -34.77
CH2 MLY B 220 0.03 -10.67 -33.61
C MLY B 220 0.64 -13.87 -27.79
O MLY B 220 0.96 -13.64 -26.59
N PHE B 221 0.05 -14.97 -28.18
CA PHE B 221 0.06 -16.22 -27.42
C PHE B 221 1.10 -17.16 -28.02
N ILE B 222 2.03 -17.61 -27.18
CA ILE B 222 3.13 -18.48 -27.65
C ILE B 222 3.02 -19.87 -27.10
N ASP B 223 3.71 -20.81 -27.75
CA ASP B 223 3.85 -22.17 -27.27
C ASP B 223 4.95 -22.11 -26.20
N PRO B 224 4.65 -22.51 -24.97
CA PRO B 224 5.63 -22.36 -23.89
C PRO B 224 6.90 -23.20 -24.15
N GLU B 225 6.78 -24.27 -24.90
CA GLU B 225 7.99 -25.02 -25.26
C GLU B 225 8.96 -24.14 -26.06
N MLY B 226 8.46 -23.11 -26.73
CA MLY B 226 9.33 -22.21 -27.48
CB MLY B 226 8.46 -21.46 -28.52
CB MLY B 226 8.54 -21.48 -28.59
CG MLY B 226 9.19 -20.56 -29.49
CG MLY B 226 8.04 -22.40 -29.69
CD MLY B 226 9.49 -21.20 -30.84
CD MLY B 226 9.16 -23.25 -30.30
CE MLY B 226 10.60 -20.47 -31.57
CE MLY B 226 8.63 -24.32 -31.25
NZ MLY B 226 11.83 -20.62 -30.77
NZ MLY B 226 9.65 -25.40 -31.51
C MLY B 226 10.05 -21.24 -26.53
O MLY B 226 11.15 -20.79 -26.81
N LEU B 227 9.48 -21.00 -25.36
CA LEU B 227 10.15 -20.24 -24.34
C LEU B 227 11.40 -20.93 -23.81
N LEU B 228 11.41 -22.27 -23.72
CA LEU B 228 12.60 -23.04 -23.40
C LEU B 228 13.72 -22.83 -24.44
N VAL B 229 13.36 -22.74 -25.71
CA VAL B 229 14.30 -22.56 -26.80
C VAL B 229 14.86 -21.12 -26.79
N TRP B 230 13.97 -20.12 -26.67
CA TRP B 230 14.38 -18.74 -26.63
C TRP B 230 15.26 -18.48 -25.42
N ASN B 231 14.89 -19.11 -24.31
CA ASN B 231 15.67 -19.06 -23.07
C ASN B 231 16.15 -17.66 -22.74
N PRO B 232 15.19 -16.74 -22.52
CA PRO B 232 15.57 -15.38 -22.22
C PRO B 232 16.36 -15.26 -20.91
N GLU B 233 17.38 -14.41 -20.91
CA GLU B 233 18.15 -14.16 -19.69
C GLU B 233 17.30 -13.59 -18.52
N TYR B 234 16.37 -12.70 -18.86
CA TYR B 234 15.46 -12.05 -17.89
C TYR B 234 14.01 -12.31 -18.30
N ILE B 235 13.19 -12.61 -17.30
CA ILE B 235 11.73 -12.79 -17.48
C ILE B 235 11.01 -11.78 -16.58
N PHE B 236 10.09 -11.02 -17.19
CA PHE B 236 9.22 -10.08 -16.47
C PHE B 236 7.79 -10.58 -16.52
N ILE B 237 7.15 -10.60 -15.37
CA ILE B 237 5.78 -11.09 -15.27
C ILE B 237 4.88 -9.88 -14.99
N ASP B 238 4.00 -9.59 -15.94
CA ASP B 238 2.91 -8.63 -15.75
C ASP B 238 2.02 -9.16 -14.67
N GLU B 239 1.86 -8.36 -13.62
CA GLU B 239 1.17 -8.88 -12.43
C GLU B 239 -0.33 -9.12 -12.57
N ASN B 240 -0.93 -8.72 -13.69
CA ASN B 240 -2.29 -9.16 -13.97
C ASN B 240 -2.36 -10.69 -14.03
N GLY B 241 -1.30 -11.31 -14.57
CA GLY B 241 -1.24 -12.77 -14.66
C GLY B 241 -0.41 -13.50 -13.61
N LEU B 242 0.02 -12.79 -12.57
CA LEU B 242 0.95 -13.38 -11.62
C LEU B 242 0.38 -14.65 -10.99
N SER B 243 -0.89 -14.60 -10.57
CA SER B 243 -1.52 -15.75 -9.91
C SER B 243 -1.56 -16.96 -10.80
N LEU B 244 -1.87 -16.74 -12.08
CA LEU B 244 -1.88 -17.83 -13.06
C LEU B 244 -0.48 -18.41 -13.24
N VAL B 245 0.53 -17.55 -13.25
CA VAL B 245 1.93 -18.02 -13.40
C VAL B 245 2.36 -18.83 -12.19
N LEU B 246 2.05 -18.33 -11.01
CA LEU B 246 2.41 -19.04 -9.78
C LEU B 246 1.69 -20.39 -9.69
N ASP B 247 0.44 -20.47 -10.15
CA ASP B 247 -0.28 -21.75 -10.19
C ASP B 247 0.36 -22.74 -11.17
N ASP B 248 0.72 -22.23 -12.34
CA ASP B 248 1.39 -22.99 -13.36
C ASP B 248 2.71 -23.55 -12.82
N TYR B 249 3.49 -22.68 -12.19
CA TYR B 249 4.78 -23.09 -11.59
C TYR B 249 4.61 -24.29 -10.63
N SER B 250 3.58 -24.25 -9.81
CA SER B 250 3.33 -25.31 -8.84
C SER B 250 2.97 -26.63 -9.53
N MLY B 251 2.31 -26.55 -10.68
CA MLY B 251 1.91 -27.74 -11.40
CB MLY B 251 0.55 -27.50 -12.06
CG MLY B 251 -0.50 -27.03 -11.04
CD MLY B 251 -1.96 -27.32 -11.42
CE MLY B 251 -2.55 -26.31 -12.39
NZ MLY B 251 -4.01 -26.05 -12.13
C MLY B 251 2.99 -28.21 -12.40
O MLY B 251 2.94 -29.36 -12.84
N HIS B 252 3.98 -27.37 -12.69
CA HIS B 252 4.99 -27.62 -13.73
C HIS B 252 6.36 -27.08 -13.34
N ARG B 253 6.82 -27.51 -12.18
CA ARG B 253 8.00 -26.94 -11.58
C ARG B 253 9.23 -27.19 -12.44
N GLU B 254 9.30 -28.36 -13.07
CA GLU B 254 10.47 -28.79 -13.80
C GLU B 254 10.69 -27.95 -15.07
N PHE B 255 9.60 -27.67 -15.77
CA PHE B 255 9.60 -26.70 -16.88
C PHE B 255 10.27 -25.38 -16.49
N TYR B 256 9.77 -24.76 -15.41
CA TYR B 256 10.30 -23.44 -14.99
C TYR B 256 11.75 -23.55 -14.55
N GLU B 257 12.07 -24.58 -13.78
CA GLU B 257 13.40 -24.66 -13.21
C GLU B 257 14.47 -24.89 -14.29
N SER B 258 14.04 -25.33 -15.46
CA SER B 258 14.94 -25.50 -16.60
C SER B 258 15.26 -24.18 -17.37
N LEU B 259 14.49 -23.13 -17.13
CA LEU B 259 14.78 -21.81 -17.72
C LEU B 259 15.93 -21.11 -17.02
N SER B 260 16.86 -20.56 -17.79
CA SER B 260 18.01 -19.85 -17.26
C SER B 260 17.56 -18.66 -16.42
N ALA B 261 16.48 -17.98 -16.81
CA ALA B 261 16.00 -16.84 -16.00
C ALA B 261 15.62 -17.27 -14.60
N VAL B 262 14.99 -18.45 -14.48
CA VAL B 262 14.54 -18.98 -13.18
C VAL B 262 15.77 -19.46 -12.36
N MLY B 263 16.67 -20.16 -13.04
CA MLY B 263 17.90 -20.68 -12.43
CB MLY B 263 18.78 -21.39 -13.45
CG MLY B 263 18.24 -22.69 -13.99
CD MLY B 263 19.15 -23.23 -15.09
CE MLY B 263 18.66 -24.54 -15.62
NZ MLY B 263 19.55 -25.14 -16.67
CH1 MLY B 263 18.87 -26.36 -17.21
CH2 MLY B 263 19.83 -24.18 -17.77
C MLY B 263 18.70 -19.55 -11.80
O MLY B 263 19.22 -19.71 -10.68
N ARG B 264 18.79 -18.41 -12.49
CA ARG B 264 19.64 -17.31 -12.03
C ARG B 264 18.92 -16.25 -11.22
N GLY B 265 17.66 -16.50 -10.85
CA GLY B 265 16.93 -15.54 -10.05
C GLY B 265 16.49 -14.29 -10.82
N MLY B 266 16.39 -14.37 -12.15
CA MLY B 266 16.15 -13.20 -12.98
CB MLY B 266 17.16 -13.15 -14.15
CG MLY B 266 18.59 -12.73 -13.73
CD MLY B 266 19.58 -12.71 -14.90
CE MLY B 266 20.90 -12.02 -14.48
NZ MLY B 266 22.00 -12.26 -15.45
CH1 MLY B 266 23.26 -11.60 -15.00
CH2 MLY B 266 22.24 -13.71 -15.57
C MLY B 266 14.70 -13.20 -13.44
O MLY B 266 14.39 -12.99 -14.62
N VAL B 267 13.79 -13.41 -12.49
CA VAL B 267 12.35 -13.34 -12.74
C VAL B 267 11.82 -12.21 -11.86
N TYR B 268 11.10 -11.27 -12.47
CA TYR B 268 10.67 -10.02 -11.83
C TYR B 268 9.23 -9.70 -12.13
N GLY B 269 8.57 -9.02 -11.20
CA GLY B 269 7.19 -8.54 -11.29
C GLY B 269 7.11 -7.09 -11.68
N ILE B 270 6.20 -6.81 -12.64
CA ILE B 270 5.87 -5.47 -13.06
C ILE B 270 4.37 -5.22 -12.95
N LEU B 271 4.00 -3.95 -12.86
CA LEU B 271 2.59 -3.56 -12.81
C LEU B 271 1.93 -3.69 -14.19
N PRO B 272 0.69 -4.16 -14.22
CA PRO B 272 -0.05 -4.12 -15.47
C PRO B 272 -0.39 -2.68 -15.85
N TYR B 273 -0.31 -2.38 -17.13
CA TYR B 273 -0.67 -1.06 -17.65
C TYR B 273 -1.76 -1.03 -18.74
N ASN B 274 -2.22 -2.20 -19.21
CA ASN B 274 -3.09 -2.23 -20.40
C ASN B 274 -4.60 -2.25 -20.16
N TYR B 275 -5.01 -2.00 -18.91
CA TYR B 275 -6.43 -2.10 -18.50
C TYR B 275 -7.24 -0.84 -18.88
N TYR B 276 -8.17 -1.04 -19.81
CA TYR B 276 -9.02 0.03 -20.42
C TYR B 276 -8.14 1.02 -21.14
N THR B 277 -7.46 0.43 -22.11
CA THR B 277 -6.33 1.00 -22.83
C THR B 277 -5.21 1.53 -21.90
N THR B 278 -4.27 2.26 -22.46
CA THR B 278 -2.96 2.42 -21.80
C THR B 278 -2.99 3.36 -20.62
N ASN B 279 -2.54 2.81 -19.49
CA ASN B 279 -2.20 3.59 -18.30
C ASN B 279 -0.75 4.04 -18.48
N ILE B 280 -0.61 5.25 -19.03
CA ILE B 280 0.71 5.75 -19.48
C ILE B 280 1.71 5.84 -18.35
N GLY B 281 1.25 6.33 -17.19
CA GLY B 281 2.07 6.45 -16.01
C GLY B 281 2.68 5.12 -15.63
N THR B 282 1.83 4.12 -15.53
CA THR B 282 2.30 2.76 -15.18
C THR B 282 3.26 2.21 -16.19
N ALA B 283 2.97 2.41 -17.49
CA ALA B 283 3.86 1.98 -18.57
C ALA B 283 5.24 2.57 -18.43
N LEU B 284 5.32 3.86 -18.15
CA LEU B 284 6.59 4.52 -17.96
C LEU B 284 7.31 4.02 -16.70
N ALA B 285 6.57 3.87 -15.61
CA ALA B 285 7.11 3.33 -14.34
C ALA B 285 7.71 1.93 -14.60
N ASP B 286 7.00 1.10 -15.37
CA ASP B 286 7.51 -0.24 -15.70
C ASP B 286 8.83 -0.15 -16.44
N ALA B 287 8.92 0.79 -17.40
CA ALA B 287 10.12 0.95 -18.21
C ALA B 287 11.30 1.33 -17.35
N TYR B 288 11.09 2.22 -16.38
CA TYR B 288 12.17 2.60 -15.44
C TYR B 288 12.62 1.43 -14.56
N PHE B 289 11.65 0.62 -14.12
CA PHE B 289 11.97 -0.58 -13.35
C PHE B 289 12.77 -1.56 -14.20
N ILE B 290 12.28 -1.83 -15.41
CA ILE B 290 12.99 -2.79 -16.28
C ILE B 290 14.41 -2.29 -16.60
N GLY B 291 14.55 -0.98 -16.86
CA GLY B 291 15.83 -0.40 -17.17
C GLY B 291 16.84 -0.62 -16.05
N LYS B 292 16.38 -0.45 -14.81
CA LYS B 292 17.23 -0.63 -13.64
C LYS B 292 17.65 -2.08 -13.49
N VAL B 293 16.75 -2.99 -13.81
CA VAL B 293 17.07 -4.42 -13.77
C VAL B 293 18.15 -4.77 -14.82
N LEU B 294 17.93 -4.32 -16.05
CA LEU B 294 18.75 -4.71 -17.17
C LEU B 294 20.11 -3.98 -17.11
N TYR B 295 20.05 -2.67 -16.81
CA TYR B 295 21.20 -1.74 -16.92
C TYR B 295 21.42 -0.99 -15.57
N PRO B 296 21.68 -1.73 -14.49
CA PRO B 296 21.73 -1.16 -13.13
C PRO B 296 22.70 0.02 -13.00
N GLU B 297 23.83 -0.03 -13.69
CA GLU B 297 24.82 1.06 -13.66
C GLU B 297 24.31 2.37 -14.24
N ARG B 298 23.29 2.31 -15.09
CA ARG B 298 22.69 3.48 -15.73
C ARG B 298 21.47 4.05 -14.99
N PHE B 299 21.07 3.36 -13.91
CA PHE B 299 19.87 3.68 -13.13
C PHE B 299 20.13 3.79 -11.63
N THR B 300 21.36 4.03 -11.20
CA THR B 300 21.67 3.97 -9.78
C THR B 300 20.94 5.06 -9.01
N ASP B 301 20.65 6.16 -9.69
CA ASP B 301 19.91 7.27 -9.07
C ASP B 301 18.40 7.06 -9.00
N ILE B 302 17.89 5.97 -9.58
CA ILE B 302 16.46 5.74 -9.65
C ILE B 302 16.05 4.66 -8.69
N ASP B 303 15.08 4.99 -7.85
CA ASP B 303 14.39 4.01 -7.00
C ASP B 303 13.06 3.81 -7.73
N PRO B 304 12.83 2.62 -8.29
CA PRO B 304 11.62 2.48 -9.14
C PRO B 304 10.27 2.77 -8.46
N GLU B 305 10.17 2.48 -7.15
CA GLU B 305 8.93 2.75 -6.44
C GLU B 305 8.72 4.28 -6.31
N GLU B 306 9.79 4.98 -5.97
CA GLU B 306 9.77 6.43 -5.84
C GLU B 306 9.46 7.08 -7.18
N MLY B 307 10.11 6.57 -8.23
CA MLY B 307 9.89 7.04 -9.61
CB MLY B 307 10.91 6.37 -10.58
CG MLY B 307 10.74 6.85 -11.99
CD MLY B 307 11.16 8.32 -12.13
CE MLY B 307 10.88 8.72 -13.57
NZ MLY B 307 11.18 10.14 -13.90
CH1 MLY B 307 12.61 10.35 -13.81
CH2 MLY B 307 10.60 10.58 -15.22
C MLY B 307 8.45 6.86 -10.05
O MLY B 307 7.86 7.76 -10.67
N ALA B 308 7.85 5.69 -9.73
CA ALA B 308 6.44 5.43 -10.05
C ALA B 308 5.58 6.51 -9.42
N ASP B 309 5.80 6.81 -8.13
CA ASP B 309 5.06 7.90 -7.48
C ASP B 309 5.33 9.31 -8.00
N GLU B 310 6.56 9.59 -8.41
CA GLU B 310 6.82 10.85 -9.10
C GLU B 310 5.99 10.96 -10.38
N ILE B 311 5.95 9.88 -11.16
CA ILE B 311 5.17 9.83 -12.40
C ILE B 311 3.68 10.02 -12.12
N TYR B 312 3.17 9.24 -11.18
CA TYR B 312 1.76 9.33 -10.83
C TYR B 312 1.43 10.70 -10.24
N GLU B 313 2.30 11.26 -9.41
CA GLU B 313 2.00 12.58 -8.83
C GLU B 313 1.94 13.66 -9.93
N PHE B 314 2.86 13.61 -10.86
CA PHE B 314 2.82 14.51 -12.00
C PHE B 314 1.57 14.34 -12.84
N LEU B 315 1.28 13.12 -13.25
CA LEU B 315 0.19 12.88 -14.19
C LEU B 315 -1.19 12.99 -13.55
N LEU B 316 -1.31 12.61 -12.26
CA LEU B 316 -2.59 12.41 -11.62
C LEU B 316 -2.78 13.16 -10.31
N GLY B 317 -1.69 13.76 -9.83
CA GLY B 317 -1.71 14.50 -8.59
C GLY B 317 -1.76 13.71 -7.29
N MLY B 318 -1.64 12.37 -7.38
CA MLY B 318 -1.72 11.53 -6.19
CB MLY B 318 -3.11 10.93 -6.01
CG MLY B 318 -4.20 11.95 -5.74
CD MLY B 318 -4.06 12.54 -4.33
CE MLY B 318 -5.15 13.55 -3.98
NZ MLY B 318 -5.06 14.78 -4.82
C MLY B 318 -0.69 10.42 -6.33
O MLY B 318 -0.47 9.88 -7.43
N ARG B 319 -0.06 10.10 -5.20
CA ARG B 319 0.96 9.04 -5.16
C ARG B 319 0.30 7.70 -4.90
N VAL B 320 -0.13 7.04 -5.98
CA VAL B 320 -0.95 5.81 -5.92
C VAL B 320 -0.18 4.52 -6.13
N TYR B 321 1.16 4.58 -6.12
CA TYR B 321 1.96 3.36 -6.30
C TYR B 321 1.62 2.33 -5.24
N GLY B 322 1.55 2.77 -3.99
CA GLY B 322 1.25 1.87 -2.88
C GLY B 322 -0.01 1.06 -3.10
N GLU B 323 -1.05 1.73 -3.60
CA GLU B 323 -2.33 1.09 -3.85
C GLU B 323 -2.24 0.13 -5.02
N MSE B 324 -1.53 0.52 -6.06
CA MSE B 324 -1.19 -0.41 -7.13
C MSE B 324 -0.44 -1.67 -6.68
O MSE B 324 -0.80 -2.80 -7.06
CB MSE B 324 -0.42 0.31 -8.24
CG MSE B 324 -1.25 1.33 -9.02
SE MSE B 324 -2.66 0.49 -10.14
CE MSE B 324 -1.49 -0.52 -11.32
N ALA B 325 0.59 -1.48 -5.85
CA ALA B 325 1.36 -2.60 -5.33
C ALA B 325 0.48 -3.51 -4.46
N GLU B 326 -0.45 -2.92 -3.73
CA GLU B 326 -1.39 -3.70 -2.90
C GLU B 326 -2.30 -4.60 -3.77
N GLN B 327 -2.78 -4.07 -4.90
CA GLN B 327 -3.66 -4.78 -5.83
C GLN B 327 -2.88 -5.93 -6.51
N PHE B 328 -1.65 -5.65 -6.95
CA PHE B 328 -0.93 -6.53 -7.88
C PHE B 328 0.37 -7.15 -7.39
N GLY B 329 0.99 -6.54 -6.36
CA GLY B 329 2.27 -7.02 -5.88
C GLY B 329 3.37 -5.95 -5.85
N GLY B 330 3.52 -5.19 -6.92
CA GLY B 330 4.52 -4.12 -6.95
C GLY B 330 5.80 -4.65 -7.54
N PHE B 331 6.78 -3.75 -7.69
CA PHE B 331 8.04 -4.08 -8.33
C PHE B 331 8.91 -4.96 -7.45
N GLY B 332 9.61 -5.89 -8.11
CA GLY B 332 10.62 -6.68 -7.40
C GLY B 332 10.91 -7.99 -8.07
N MLY B 333 11.86 -8.72 -7.51
CA MLY B 333 12.22 -10.07 -7.94
CB MLY B 333 13.64 -10.35 -7.44
CG MLY B 333 14.30 -11.58 -7.94
CD MLY B 333 15.78 -11.69 -7.46
CE MLY B 333 16.74 -10.83 -8.29
NZ MLY B 333 18.18 -11.35 -8.24
CH1 MLY B 333 18.93 -10.85 -9.41
CH2 MLY B 333 18.90 -10.86 -7.04
C MLY B 333 11.14 -11.01 -7.39
O MLY B 333 10.67 -10.84 -6.25
N ILE B 334 10.66 -11.95 -8.20
CA ILE B 334 9.67 -12.94 -7.77
C ILE B 334 10.38 -14.21 -7.31
N ASP B 335 9.99 -14.71 -6.13
CA ASP B 335 10.41 -16.02 -5.65
C ASP B 335 9.27 -17.00 -5.95
N LEU B 336 9.44 -17.81 -7.00
CA LEU B 336 8.32 -18.56 -7.57
C LEU B 336 7.73 -19.58 -6.58
N PRO B 337 8.57 -20.26 -5.80
CA PRO B 337 8.01 -21.25 -4.87
C PRO B 337 7.08 -20.68 -3.80
N SER B 338 7.41 -19.50 -3.28
CA SER B 338 6.61 -18.84 -2.25
C SER B 338 5.54 -17.89 -2.81
N GLY B 339 5.69 -17.44 -4.05
CA GLY B 339 4.71 -16.54 -4.66
C GLY B 339 4.91 -15.10 -4.26
N ARG B 340 5.98 -14.85 -3.50
CA ARG B 340 6.26 -13.51 -2.99
C ARG B 340 7.13 -12.64 -3.90
N ILE B 341 6.81 -11.36 -3.91
CA ILE B 341 7.61 -10.34 -4.56
C ILE B 341 8.59 -9.75 -3.52
N LEU B 342 9.88 -9.78 -3.83
CA LEU B 342 10.91 -9.26 -2.92
C LEU B 342 11.08 -7.78 -3.24
N ARG B 343 10.37 -6.94 -2.46
CA ARG B 343 10.21 -5.50 -2.73
C ARG B 343 11.53 -4.82 -2.57
N GLY B 344 11.78 -3.78 -3.37
CA GLY B 344 13.04 -3.03 -3.30
C GLY B 344 14.21 -3.83 -3.83
N THR B 345 13.93 -4.84 -4.64
CA THR B 345 14.99 -5.57 -5.35
C THR B 345 14.87 -5.42 -6.91
N TRP B 346 16.00 -5.61 -7.58
CA TRP B 346 16.09 -5.51 -9.06
C TRP B 346 17.30 -6.31 -9.61
NI NI C . 3.54 34.27 18.02
CL CL D . -1.62 -0.61 24.26
P PO4 E . 2.97 36.38 23.81
O1 PO4 E . 1.94 37.47 24.03
O2 PO4 E . 3.30 35.74 25.15
O3 PO4 E . 4.23 37.00 23.22
O4 PO4 E . 2.41 35.33 22.86
C1 EDO F . 12.31 -12.28 40.55
O1 EDO F . 12.42 -13.74 40.31
C2 EDO F . 13.43 -11.29 40.01
O2 EDO F . 14.87 -11.70 39.96
C1 EDO G . -5.55 23.15 26.83
O1 EDO G . -6.27 24.39 27.02
C2 EDO G . -4.04 23.35 26.82
O2 EDO G . -3.53 23.91 28.05
C1 EDO H . -12.41 4.16 30.07
O1 EDO H . -13.14 4.68 28.96
C2 EDO H . -10.91 3.87 29.86
O2 EDO H . -10.14 4.35 30.97
C1 EDO I . 5.19 -26.07 6.56
O1 EDO I . 5.97 -26.57 5.47
C2 EDO I . 5.79 -24.74 6.98
O2 EDO I . 5.01 -23.69 6.39
C1 EDO J . 2.57 -27.91 30.28
O1 EDO J . 3.49 -28.98 30.47
C2 EDO J . 2.43 -27.15 31.59
O2 EDO J . 2.95 -25.83 31.45
C1 EDO K . 0.22 -15.67 4.09
O1 EDO K . 0.45 -15.07 2.81
C2 EDO K . 1.07 -16.93 4.23
O2 EDO K . 1.85 -16.96 5.43
C1 EDO L . 5.93 24.92 8.28
O1 EDO L . 5.12 25.54 7.27
C2 EDO L . 6.40 25.98 9.28
O2 EDO L . 7.67 25.68 9.91
C1 EDO M . -4.06 -1.72 10.50
O1 EDO M . -4.11 -1.39 9.11
C2 EDO M . -2.99 -2.79 10.71
O2 EDO M . -1.70 -2.21 10.90
C1 EDO N . 1.51 2.11 10.11
O1 EDO N . 1.13 2.25 8.75
C2 EDO N . 2.55 1.00 10.24
O2 EDO N . 3.85 1.54 10.01
CL CL O . -1.36 6.13 -15.39
C1 EDO P . -11.53 -3.45 -20.22
O1 EDO P . -12.21 -4.63 -20.65
C2 EDO P . -10.16 -3.82 -19.66
O2 EDO P . -9.12 -3.65 -20.62
C1 EDO Q . -27.42 21.53 -17.80
O1 EDO Q . -28.83 21.16 -17.89
C2 EDO Q . -27.08 22.71 -16.88
O2 EDO Q . -26.52 22.30 -15.61
C1 EDO R . 4.07 -23.74 -19.43
O1 EDO R . 2.89 -23.06 -19.00
C2 EDO R . 4.57 -24.69 -18.35
O2 EDO R . 3.52 -25.55 -17.93
C1 EDO S . -29.53 10.93 -14.55
O1 EDO S . -29.17 12.28 -14.17
C2 EDO S . -28.62 10.41 -15.67
O2 EDO S . -28.01 9.15 -15.29
C1 EDO T . -17.47 3.13 -25.50
O1 EDO T . -18.57 3.68 -24.79
C2 EDO T . -16.88 1.86 -24.84
O2 EDO T . -16.75 1.88 -23.39
C1 EDO U . 3.12 -21.07 -6.01
O1 EDO U . 4.29 -21.11 -6.84
C2 EDO U . 3.40 -20.19 -4.79
O2 EDO U . 2.27 -19.37 -4.44
C1 EDO V . -18.25 29.49 -31.42
O1 EDO V . -17.84 29.80 -32.77
C2 EDO V . -17.19 29.90 -30.40
O2 EDO V . -17.74 30.71 -29.34
C1 EDO W . -17.00 29.97 -36.40
O1 EDO W . -16.96 31.07 -35.51
C2 EDO W . -16.43 28.74 -35.70
O2 EDO W . -17.40 27.69 -35.73
C1 EDO X . -11.22 20.76 -12.65
O1 EDO X . -12.35 20.24 -13.35
C2 EDO X . -10.28 19.65 -12.21
O2 EDO X . -10.72 18.93 -11.08
C1 EDO Y . -12.67 13.91 -7.09
O1 EDO Y . -13.49 13.58 -8.23
C2 EDO Y . -11.68 12.79 -6.95
O2 EDO Y . -12.09 11.80 -6.04
#